data_1HQ7
# 
_entry.id   1HQ7 
# 
_audit_conform.dict_name       mmcif_pdbx.dic 
_audit_conform.dict_version    5.386 
_audit_conform.dict_location   http://mmcif.pdb.org/dictionaries/ascii/mmcif_pdbx.dic 
# 
loop_
_database_2.database_id 
_database_2.database_code 
_database_2.pdbx_database_accession 
_database_2.pdbx_DOI 
PDB   1HQ7         pdb_00001hq7 10.2210/pdb1hq7/pdb 
NDB   BD0047       ?            ?                   
RCSB  RCSB012510   ?            ?                   
WWPDB D_1000012510 ?            ?                   
# 
loop_
_pdbx_audit_revision_history.ordinal 
_pdbx_audit_revision_history.data_content_type 
_pdbx_audit_revision_history.major_revision 
_pdbx_audit_revision_history.minor_revision 
_pdbx_audit_revision_history.revision_date 
1 'Structure model' 1 0 2003-07-07 
2 'Structure model' 1 1 2008-04-27 
3 'Structure model' 1 2 2011-07-13 
4 'Structure model' 1 3 2018-04-04 
5 'Structure model' 1 4 2024-02-07 
# 
_pdbx_audit_revision_details.ordinal             1 
_pdbx_audit_revision_details.revision_ordinal    1 
_pdbx_audit_revision_details.data_content_type   'Structure model' 
_pdbx_audit_revision_details.provider            repository 
_pdbx_audit_revision_details.type                'Initial release' 
_pdbx_audit_revision_details.description         ? 
_pdbx_audit_revision_details.details             ? 
# 
loop_
_pdbx_audit_revision_group.ordinal 
_pdbx_audit_revision_group.revision_ordinal 
_pdbx_audit_revision_group.data_content_type 
_pdbx_audit_revision_group.group 
1 2 'Structure model' 'Version format compliance' 
2 3 'Structure model' 'Version format compliance' 
3 4 'Structure model' 'Data collection'           
4 5 'Structure model' 'Data collection'           
5 5 'Structure model' 'Database references'       
# 
loop_
_pdbx_audit_revision_category.ordinal 
_pdbx_audit_revision_category.revision_ordinal 
_pdbx_audit_revision_category.data_content_type 
_pdbx_audit_revision_category.category 
1 4 'Structure model' diffrn_source  
2 5 'Structure model' chem_comp_atom 
3 5 'Structure model' chem_comp_bond 
4 5 'Structure model' database_2     
# 
loop_
_pdbx_audit_revision_item.ordinal 
_pdbx_audit_revision_item.revision_ordinal 
_pdbx_audit_revision_item.data_content_type 
_pdbx_audit_revision_item.item 
1 4 'Structure model' '_diffrn_source.type'                 
2 5 'Structure model' '_database_2.pdbx_DOI'                
3 5 'Structure model' '_database_2.pdbx_database_accession' 
# 
_pdbx_database_status.status_code                     REL 
_pdbx_database_status.entry_id                        1HQ7 
_pdbx_database_status.recvd_initial_deposition_date   2000-12-14 
_pdbx_database_status.deposit_site                    RCSB 
_pdbx_database_status.process_site                    RCSB 
_pdbx_database_status.status_code_sf                  REL 
_pdbx_database_status.SG_entry                        . 
_pdbx_database_status.status_code_mr                  ? 
_pdbx_database_status.pdb_format_compatible           Y 
_pdbx_database_status.status_code_cs                  ? 
_pdbx_database_status.methods_development_category    ? 
_pdbx_database_status.status_code_nmr_data            ? 
# 
loop_
_audit_author.name 
_audit_author.pdbx_ordinal 
'Chen, S.'     1 
'Berman, H.M.' 2 
# 
_citation.id                        primary 
_citation.title                     'Signatures of protein-DNA recognition in free DNA binding sites.' 
_citation.journal_abbrev            J.Mol.Biol. 
_citation.journal_volume            386 
_citation.page_first                1054 
_citation.page_last                 1065 
_citation.year                      2009 
_citation.journal_id_ASTM           JMOBAK 
_citation.country                   UK 
_citation.journal_id_ISSN           0022-2836 
_citation.journal_id_CSD            0070 
_citation.book_publisher            ? 
_citation.pdbx_database_id_PubMed   19244617 
_citation.pdbx_database_id_DOI      ? 
# 
loop_
_citation_author.citation_id 
_citation_author.name 
_citation_author.ordinal 
_citation_author.identifier_ORCID 
primary 'Locasale, J.W.' 1 ? 
primary 'Napoli, A.A.'   2 ? 
primary 'Chen, S.'       3 ? 
primary 'Berman, H.M.'   4 ? 
primary 'Lawson, C.L.'   5 ? 
# 
loop_
_entity.id 
_entity.type 
_entity.src_method 
_entity.pdbx_description 
_entity.formula_weight 
_entity.pdbx_number_of_molecules 
_entity.pdbx_ec 
_entity.pdbx_mutation 
_entity.pdbx_fragment 
_entity.details 
1 polymer syn "5'-D(*GP*CP*AP*AP*AP*CP*GP*TP*TP*TP*GP*C)-3'" 3662.404 2   ? ? ? 
'DNA BINDING SEQUENCE FOR PURINE REPRESSOR PROTEIN' 
2 water   nat water                                          18.015   100 ? ? ? ? 
# 
_entity_poly.entity_id                      1 
_entity_poly.type                           polydeoxyribonucleotide 
_entity_poly.nstd_linkage                   no 
_entity_poly.nstd_monomer                   no 
_entity_poly.pdbx_seq_one_letter_code       '(DG)(DC)(DA)(DA)(DA)(DC)(DG)(DT)(DT)(DT)(DG)(DC)' 
_entity_poly.pdbx_seq_one_letter_code_can   GCAAACGTTTGC 
_entity_poly.pdbx_strand_id                 A,B 
_entity_poly.pdbx_target_identifier         ? 
# 
_pdbx_entity_nonpoly.entity_id   2 
_pdbx_entity_nonpoly.name        water 
_pdbx_entity_nonpoly.comp_id     HOH 
# 
loop_
_entity_poly_seq.entity_id 
_entity_poly_seq.num 
_entity_poly_seq.mon_id 
_entity_poly_seq.hetero 
1 1  DG n 
1 2  DC n 
1 3  DA n 
1 4  DA n 
1 5  DA n 
1 6  DC n 
1 7  DG n 
1 8  DT n 
1 9  DT n 
1 10 DT n 
1 11 DG n 
1 12 DC n 
# 
_pdbx_entity_src_syn.entity_id              1 
_pdbx_entity_src_syn.pdbx_src_id            1 
_pdbx_entity_src_syn.pdbx_alt_source_flag   sample 
_pdbx_entity_src_syn.pdbx_beg_seq_num       ? 
_pdbx_entity_src_syn.pdbx_end_seq_num       ? 
_pdbx_entity_src_syn.organism_scientific    ? 
_pdbx_entity_src_syn.organism_common_name   ? 
_pdbx_entity_src_syn.ncbi_taxonomy_id       ? 
_pdbx_entity_src_syn.details                'solid-phase DNA synthesis' 
# 
loop_
_chem_comp.id 
_chem_comp.type 
_chem_comp.mon_nstd_flag 
_chem_comp.name 
_chem_comp.pdbx_synonyms 
_chem_comp.formula 
_chem_comp.formula_weight 
DA  'DNA linking' y "2'-DEOXYADENOSINE-5'-MONOPHOSPHATE" ? 'C10 H14 N5 O6 P' 331.222 
DC  'DNA linking' y "2'-DEOXYCYTIDINE-5'-MONOPHOSPHATE"  ? 'C9 H14 N3 O7 P'  307.197 
DG  'DNA linking' y "2'-DEOXYGUANOSINE-5'-MONOPHOSPHATE" ? 'C10 H14 N5 O7 P' 347.221 
DT  'DNA linking' y "THYMIDINE-5'-MONOPHOSPHATE"         ? 'C10 H15 N2 O8 P' 322.208 
HOH non-polymer   . WATER                                ? 'H2 O'            18.015  
# 
loop_
_pdbx_poly_seq_scheme.asym_id 
_pdbx_poly_seq_scheme.entity_id 
_pdbx_poly_seq_scheme.seq_id 
_pdbx_poly_seq_scheme.mon_id 
_pdbx_poly_seq_scheme.ndb_seq_num 
_pdbx_poly_seq_scheme.pdb_seq_num 
_pdbx_poly_seq_scheme.auth_seq_num 
_pdbx_poly_seq_scheme.pdb_mon_id 
_pdbx_poly_seq_scheme.auth_mon_id 
_pdbx_poly_seq_scheme.pdb_strand_id 
_pdbx_poly_seq_scheme.pdb_ins_code 
_pdbx_poly_seq_scheme.hetero 
A 1 1  DG 1  1  1  DG GUA A . n 
A 1 2  DC 2  2  2  DC CYT A . n 
A 1 3  DA 3  3  3  DA ADE A . n 
A 1 4  DA 4  4  4  DA ADE A . n 
A 1 5  DA 5  5  5  DA ADE A . n 
A 1 6  DC 6  6  6  DC CYT A . n 
A 1 7  DG 7  7  7  DG GUA A . n 
A 1 8  DT 8  8  8  DT THY A . n 
A 1 9  DT 9  9  9  DT THY A . n 
A 1 10 DT 10 10 10 DT THY A . n 
A 1 11 DG 11 11 11 DG GUA A . n 
A 1 12 DC 12 12 12 DC CYT A . n 
B 1 1  DG 1  13 13 DG GUA B . n 
B 1 2  DC 2  14 14 DC CYT B . n 
B 1 3  DA 3  15 15 DA ADE B . n 
B 1 4  DA 4  16 16 DA ADE B . n 
B 1 5  DA 5  17 17 DA ADE B . n 
B 1 6  DC 6  18 18 DC CYT B . n 
B 1 7  DG 7  19 19 DG GUA B . n 
B 1 8  DT 8  20 20 DT THY B . n 
B 1 9  DT 9  21 21 DT THY B . n 
B 1 10 DT 10 22 22 DT THY B . n 
B 1 11 DG 11 23 23 DG GUA B . n 
B 1 12 DC 12 24 24 DC CYT B . n 
# 
loop_
_pdbx_nonpoly_scheme.asym_id 
_pdbx_nonpoly_scheme.entity_id 
_pdbx_nonpoly_scheme.mon_id 
_pdbx_nonpoly_scheme.ndb_seq_num 
_pdbx_nonpoly_scheme.pdb_seq_num 
_pdbx_nonpoly_scheme.auth_seq_num 
_pdbx_nonpoly_scheme.pdb_mon_id 
_pdbx_nonpoly_scheme.auth_mon_id 
_pdbx_nonpoly_scheme.pdb_strand_id 
_pdbx_nonpoly_scheme.pdb_ins_code 
C 2 HOH 1  28  28  HOH WAT A . 
C 2 HOH 2  29  29  HOH WAT A . 
C 2 HOH 3  30  30  HOH WAT A . 
C 2 HOH 4  32  32  HOH WAT A . 
C 2 HOH 5  33  33  HOH WAT A . 
C 2 HOH 6  35  35  HOH WAT A . 
C 2 HOH 7  39  39  HOH WAT A . 
C 2 HOH 8  40  40  HOH WAT A . 
C 2 HOH 9  44  44  HOH WAT A . 
C 2 HOH 10 45  45  HOH WAT A . 
C 2 HOH 11 46  46  HOH WAT A . 
C 2 HOH 12 48  48  HOH WAT A . 
C 2 HOH 13 49  49  HOH WAT A . 
C 2 HOH 14 50  50  HOH WAT A . 
C 2 HOH 15 51  51  HOH WAT A . 
C 2 HOH 16 52  52  HOH WAT A . 
C 2 HOH 17 53  53  HOH WAT A . 
C 2 HOH 18 54  54  HOH WAT A . 
C 2 HOH 19 55  55  HOH WAT A . 
C 2 HOH 20 57  57  HOH WAT A . 
C 2 HOH 21 58  58  HOH WAT A . 
C 2 HOH 22 59  59  HOH WAT A . 
C 2 HOH 23 62  62  HOH WAT A . 
C 2 HOH 24 66  66  HOH WAT A . 
C 2 HOH 25 68  68  HOH WAT A . 
C 2 HOH 26 69  69  HOH WAT A . 
C 2 HOH 27 72  72  HOH WAT A . 
C 2 HOH 28 73  73  HOH WAT A . 
C 2 HOH 29 75  75  HOH WAT A . 
C 2 HOH 30 77  77  HOH WAT A . 
C 2 HOH 31 78  78  HOH WAT A . 
C 2 HOH 32 79  79  HOH WAT A . 
C 2 HOH 33 80  80  HOH WAT A . 
C 2 HOH 34 81  81  HOH WAT A . 
C 2 HOH 35 82  82  HOH WAT A . 
C 2 HOH 36 84  84  HOH WAT A . 
C 2 HOH 37 86  86  HOH WAT A . 
C 2 HOH 38 87  87  HOH WAT A . 
C 2 HOH 39 90  90  HOH WAT A . 
C 2 HOH 40 93  93  HOH WAT A . 
C 2 HOH 41 94  94  HOH WAT A . 
C 2 HOH 42 95  95  HOH WAT A . 
C 2 HOH 43 98  98  HOH WAT A . 
C 2 HOH 44 103 103 HOH WAT A . 
C 2 HOH 45 106 106 HOH WAT A . 
C 2 HOH 46 107 107 HOH WAT A . 
C 2 HOH 47 108 108 HOH WAT A . 
C 2 HOH 48 112 112 HOH WAT A . 
C 2 HOH 49 113 113 HOH WAT A . 
C 2 HOH 50 114 114 HOH WAT A . 
C 2 HOH 51 115 115 HOH WAT A . 
C 2 HOH 52 120 120 HOH WAT A . 
C 2 HOH 53 121 121 HOH WAT A . 
C 2 HOH 54 122 122 HOH WAT A . 
C 2 HOH 55 124 124 HOH WAT A . 
D 2 HOH 1  25  25  HOH WAT B . 
D 2 HOH 2  26  26  HOH WAT B . 
D 2 HOH 3  27  27  HOH WAT B . 
D 2 HOH 4  31  31  HOH WAT B . 
D 2 HOH 5  34  34  HOH WAT B . 
D 2 HOH 6  36  36  HOH WAT B . 
D 2 HOH 7  37  37  HOH WAT B . 
D 2 HOH 8  38  38  HOH WAT B . 
D 2 HOH 9  41  41  HOH WAT B . 
D 2 HOH 10 42  42  HOH WAT B . 
D 2 HOH 11 43  43  HOH WAT B . 
D 2 HOH 12 47  47  HOH WAT B . 
D 2 HOH 13 56  56  HOH WAT B . 
D 2 HOH 14 60  60  HOH WAT B . 
D 2 HOH 15 61  61  HOH WAT B . 
D 2 HOH 16 63  63  HOH WAT B . 
D 2 HOH 17 64  64  HOH WAT B . 
D 2 HOH 18 65  65  HOH WAT B . 
D 2 HOH 19 67  67  HOH WAT B . 
D 2 HOH 20 70  70  HOH WAT B . 
D 2 HOH 21 71  71  HOH WAT B . 
D 2 HOH 22 74  74  HOH WAT B . 
D 2 HOH 23 76  76  HOH WAT B . 
D 2 HOH 24 83  83  HOH WAT B . 
D 2 HOH 25 85  85  HOH WAT B . 
D 2 HOH 26 88  88  HOH WAT B . 
D 2 HOH 27 89  89  HOH WAT B . 
D 2 HOH 28 91  91  HOH WAT B . 
D 2 HOH 29 92  92  HOH WAT B . 
D 2 HOH 30 96  96  HOH WAT B . 
D 2 HOH 31 97  97  HOH WAT B . 
D 2 HOH 32 99  99  HOH WAT B . 
D 2 HOH 33 100 100 HOH WAT B . 
D 2 HOH 34 101 101 HOH WAT B . 
D 2 HOH 35 102 102 HOH WAT B . 
D 2 HOH 36 104 104 HOH WAT B . 
D 2 HOH 37 105 105 HOH WAT B . 
D 2 HOH 38 109 109 HOH WAT B . 
D 2 HOH 39 110 110 HOH WAT B . 
D 2 HOH 40 111 111 HOH WAT B . 
D 2 HOH 41 116 116 HOH WAT B . 
D 2 HOH 42 117 117 HOH WAT B . 
D 2 HOH 43 118 118 HOH WAT B . 
D 2 HOH 44 119 119 HOH WAT B . 
D 2 HOH 45 123 123 HOH WAT B . 
# 
loop_
_software.name 
_software.classification 
_software.version 
_software.citation_id 
_software.pdbx_ordinal 
DENZO     'data reduction' .   ? 1 
SCALEPACK 'data scaling'   .   ? 2 
MLPHARE   phasing          .   ? 3 
CNS       refinement       1.0 ? 4 
# 
_cell.entry_id           1HQ7 
_cell.length_a           39.638 
_cell.length_b           39.638 
_cell.length_c           98.591 
_cell.angle_alpha        90.00 
_cell.angle_beta         90.00 
_cell.angle_gamma        120.00 
_cell.Z_PDB              12 
_cell.pdbx_unique_axis   ? 
# 
_symmetry.entry_id                         1HQ7 
_symmetry.space_group_name_H-M             'P 31 2 1' 
_symmetry.pdbx_full_space_group_name_H-M   ? 
_symmetry.cell_setting                     ? 
_symmetry.Int_Tables_number                152 
# 
_exptl.entry_id          1HQ7 
_exptl.method            'X-RAY DIFFRACTION' 
_exptl.crystals_number   2 
# 
_exptl_crystal.id                    1 
_exptl_crystal.density_meas          ? 
_exptl_crystal.density_Matthews      2.94 
_exptl_crystal.density_percent_sol   58.12 
_exptl_crystal.description           ? 
# 
_exptl_crystal_grow.crystal_id      1 
_exptl_crystal_grow.method          'VAPOR DIFFUSION, HANGING DROP' 
_exptl_crystal_grow.temp            277 
_exptl_crystal_grow.temp_details    ? 
_exptl_crystal_grow.pH              6.0 
_exptl_crystal_grow.pdbx_details    
'MPD, magnesium acetate, sodium cacodylate, spermine tetrahydrochloride, pH 6.0, VAPOR DIFFUSION, HANGING DROP, temperature 277K' 
_exptl_crystal_grow.pdbx_pH_range   . 
# 
loop_
_exptl_crystal_grow_comp.crystal_id 
_exptl_crystal_grow_comp.id 
_exptl_crystal_grow_comp.sol_id 
_exptl_crystal_grow_comp.name 
_exptl_crystal_grow_comp.volume 
_exptl_crystal_grow_comp.conc 
_exptl_crystal_grow_comp.details 
1 1 1 MPD                           ? ? ? 
1 2 1 'magnesium acetate'           ? ? ? 
1 3 1 'sodium cacodylate'           ? ? ? 
1 4 1 'spermine tetrahydrochloride' ? ? ? 
1 5 2 MPD                           ? ? ? 
# 
loop_
_diffrn.id 
_diffrn.ambient_temp 
_diffrn.ambient_temp_details 
_diffrn.crystal_id 
1 108 ? 1 
2 ?   ? 1 
# 
loop_
_diffrn_detector.diffrn_id 
_diffrn_detector.detector 
_diffrn_detector.type 
_diffrn_detector.pdbx_collection_date 
_diffrn_detector.details 
1 CCD 'ADSC QUANTUM 4r' 2000-06-07 mirrors 
2 CCD 'ADSC QUANTUM 1'  2000-08-21 mirrors 
# 
loop_
_diffrn_radiation.diffrn_id 
_diffrn_radiation.wavelength_id 
_diffrn_radiation.pdbx_monochromatic_or_laue_m_l 
_diffrn_radiation.monochromator 
_diffrn_radiation.pdbx_diffrn_protocol 
_diffrn_radiation.pdbx_scattering_type 
1 1 M 'parabolic collimating mirror' 'SINGLE WAVELENGTH' x-ray 
2 1 M 'parabolic collimating mirror' MAD                 x-ray 
# 
loop_
_diffrn_radiation_wavelength.id 
_diffrn_radiation_wavelength.wavelength 
_diffrn_radiation_wavelength.wt 
1 1.0722 1.0 
2 1.5418 1.0 
# 
loop_
_diffrn_source.diffrn_id 
_diffrn_source.source 
_diffrn_source.type 
_diffrn_source.pdbx_synchrotron_site 
_diffrn_source.pdbx_synchrotron_beamline 
_diffrn_source.pdbx_wavelength 
_diffrn_source.pdbx_wavelength_list 
1 SYNCHROTRON      'NSLS BEAMLINE X8C' NSLS X8C ? 1.0722 
2 'ROTATING ANODE' OTHER               ?    ?   ? 1.5418 
# 
_reflns.entry_id                     1HQ7 
_reflns.observed_criterion_sigma_I   ? 
_reflns.observed_criterion_sigma_F   4 
_reflns.d_resolution_low             13 
_reflns.d_resolution_high            2.1 
_reflns.number_obs                   54956 
_reflns.number_all                   5576 
_reflns.percent_possible_obs         94.6 
_reflns.pdbx_Rmerge_I_obs            0.064 
_reflns.pdbx_Rsym_value              ? 
_reflns.pdbx_netI_over_sigmaI        10.9 
_reflns.B_iso_Wilson_estimate        34.6 
_reflns.pdbx_redundancy              9.9 
_reflns.R_free_details               ? 
_reflns.pdbx_diffrn_id               1,2 
_reflns.pdbx_ordinal                 1 
# 
_reflns_shell.d_res_high             2.10 
_reflns_shell.d_res_low              2.14 
_reflns_shell.percent_possible_all   99.6 
_reflns_shell.Rmerge_I_obs           0.234 
_reflns_shell.pdbx_Rsym_value        ? 
_reflns_shell.meanI_over_sigI_obs    ? 
_reflns_shell.pdbx_redundancy        8.3 
_reflns_shell.percent_possible_obs   ? 
_reflns_shell.number_unique_all      269 
_reflns_shell.pdbx_diffrn_id         ? 
_reflns_shell.pdbx_ordinal           1 
# 
_refine.entry_id                                 1HQ7 
_refine.ls_number_reflns_obs                     5310 
_refine.ls_number_reflns_all                     ? 
_refine.pdbx_ls_sigma_I                          ? 
_refine.pdbx_ls_sigma_F                          4.0 
_refine.pdbx_data_cutoff_high_absF               466472.03 
_refine.pdbx_data_cutoff_low_absF                0.00 
_refine.ls_d_res_low                             13 
_refine.ls_d_res_high                            2.10 
_refine.ls_percent_reflns_obs                    94.6 
_refine.ls_R_factor_obs                          0.237 
_refine.ls_R_factor_all                          ? 
_refine.ls_R_factor_R_work                       0.237 
_refine.ls_R_factor_R_free                       0.266 
_refine.ls_R_factor_R_free_error                 0.012 
_refine.ls_R_factor_R_free_error_details         ? 
_refine.ls_percent_reflns_R_free                 9.8 
_refine.ls_number_reflns_R_free                  518 
_refine.ls_number_parameters                     ? 
_refine.ls_number_restraints                     ? 
_refine.occupancy_min                            ? 
_refine.occupancy_max                            ? 
_refine.B_iso_mean                               41.6 
_refine.aniso_B[1][1]                            -2.59 
_refine.aniso_B[2][2]                            -2.59 
_refine.aniso_B[3][3]                            5.18 
_refine.aniso_B[1][2]                            -13.62 
_refine.aniso_B[1][3]                            0.00 
_refine.aniso_B[2][3]                            0.00 
_refine.solvent_model_details                    'FLAT MODEL' 
_refine.solvent_model_param_ksol                 0.313 
_refine.solvent_model_param_bsol                 65.74 
_refine.pdbx_ls_cross_valid_method               THROUGHOUT 
_refine.details                                  ? 
_refine.pdbx_starting_model                      ? 
_refine.pdbx_method_to_determine_struct          MAD 
_refine.pdbx_isotropic_thermal_model             RESTRAINED 
_refine.pdbx_stereochemistry_target_values       ? 
_refine.pdbx_stereochem_target_val_spec_case     ? 
_refine.pdbx_R_Free_selection_details            RANDOM 
_refine.pdbx_overall_ESU_R_Free                  ? 
_refine.overall_SU_B                             ? 
_refine.ls_redundancy_reflns_obs                 ? 
_refine.overall_SU_ML                            ? 
_refine.pdbx_overall_ESU_R                       ? 
_refine.pdbx_data_cutoff_high_rms_absF           ? 
_refine.correlation_coeff_Fo_to_Fc               ? 
_refine.overall_SU_R_Cruickshank_DPI             ? 
_refine.overall_SU_R_free                        ? 
_refine.correlation_coeff_Fo_to_Fc_free          ? 
_refine.pdbx_solvent_vdw_probe_radii             ? 
_refine.pdbx_solvent_ion_probe_radii             ? 
_refine.pdbx_solvent_shrinkage_radii             ? 
_refine.pdbx_refine_id                           'X-RAY DIFFRACTION' 
_refine.pdbx_diffrn_id                           1 
_refine.pdbx_TLS_residual_ADP_flag               ? 
_refine.pdbx_overall_phase_error                 ? 
_refine.pdbx_overall_SU_R_free_Cruickshank_DPI   ? 
_refine.pdbx_overall_SU_R_Blow_DPI               ? 
_refine.pdbx_overall_SU_R_free_Blow_DPI          ? 
# 
_refine_analyze.entry_id                        1HQ7 
_refine_analyze.Luzzati_coordinate_error_obs    0.34 
_refine_analyze.Luzzati_sigma_a_obs             0.33 
_refine_analyze.Luzzati_d_res_low_obs           5.00 
_refine_analyze.Luzzati_coordinate_error_free   0.44 
_refine_analyze.Luzzati_sigma_a_free            0.41 
_refine_analyze.Luzzati_d_res_low_free          ? 
_refine_analyze.number_disordered_residues      ? 
_refine_analyze.occupancy_sum_hydrogen          ? 
_refine_analyze.occupancy_sum_non_hydrogen      ? 
_refine_analyze.pdbx_refine_id                  'X-RAY DIFFRACTION' 
# 
_refine_hist.pdbx_refine_id                   'X-RAY DIFFRACTION' 
_refine_hist.cycle_id                         LAST 
_refine_hist.pdbx_number_atoms_protein        0 
_refine_hist.pdbx_number_atoms_nucleic_acid   486 
_refine_hist.pdbx_number_atoms_ligand         0 
_refine_hist.number_atoms_solvent             100 
_refine_hist.number_atoms_total               586 
_refine_hist.d_res_high                       2.10 
_refine_hist.d_res_low                        13 
# 
loop_
_refine_ls_restr.type 
_refine_ls_restr.dev_ideal 
_refine_ls_restr.dev_ideal_target 
_refine_ls_restr.weight 
_refine_ls_restr.number 
_refine_ls_restr.pdbx_refine_id 
_refine_ls_restr.pdbx_restraint_function 
c_bond_d           0.018 ? ? ? 'X-RAY DIFFRACTION' ? 
c_angle_deg        2.1   ? ? ? 'X-RAY DIFFRACTION' ? 
c_dihedral_angle_d 17.1  ? ? ? 'X-RAY DIFFRACTION' ? 
c_improper_angle_d 1.88  ? ? ? 'X-RAY DIFFRACTION' ? 
# 
_refine_ls_shell.pdbx_total_number_of_bins_used   6 
_refine_ls_shell.d_res_high                       2.10 
_refine_ls_shell.d_res_low                        2.23 
_refine_ls_shell.number_reflns_R_work             717 
_refine_ls_shell.R_factor_R_work                  0.318 
_refine_ls_shell.percent_reflns_obs               88 
_refine_ls_shell.R_factor_R_free                  0.362 
_refine_ls_shell.R_factor_R_free_error            0.040 
_refine_ls_shell.percent_reflns_R_free            10.5 
_refine_ls_shell.number_reflns_R_free             84 
_refine_ls_shell.redundancy_reflns_obs            ? 
_refine_ls_shell.pdbx_refine_id                   'X-RAY DIFFRACTION' 
_refine_ls_shell.number_reflns_all                ? 
_refine_ls_shell.R_factor_all                     ? 
# 
loop_
_pdbx_xplor_file.serial_no 
_pdbx_xplor_file.param_file 
_pdbx_xplor_file.topol_file 
_pdbx_xplor_file.pdbx_refine_id 
1 PROTEIN_REP.PARAM PROTEIN.TOP 'X-RAY DIFFRACTION' 
2 DNA-RNA_REP.PARAM DNA-RNA.TOP 'X-RAY DIFFRACTION' 
3 WATER_REP.PARAM   WATER.TOP   'X-RAY DIFFRACTION' 
# 
_struct.entry_id                  1HQ7 
_struct.title                     'CRYSTALLOGRAPHIC STUDIES OF A DODECAMER B-DNA D-(GCAAACGTTTGC)2' 
_struct.pdbx_model_details        ? 
_struct.pdbx_CASP_flag            ? 
_struct.pdbx_model_type_details   ? 
# 
_struct_keywords.entry_id        1HQ7 
_struct_keywords.pdbx_keywords   DNA 
_struct_keywords.text            'DOUBLE HELIX, DNA' 
# 
loop_
_struct_asym.id 
_struct_asym.pdbx_blank_PDB_chainid_flag 
_struct_asym.pdbx_modified 
_struct_asym.entity_id 
_struct_asym.details 
A N N 1 ? 
B N N 1 ? 
C N N 2 ? 
D N N 2 ? 
# 
_struct_ref.id                         1 
_struct_ref.entity_id                  1 
_struct_ref.db_name                    PDB 
_struct_ref.db_code                    1HQ7 
_struct_ref.pdbx_db_accession          1HQ7 
_struct_ref.pdbx_db_isoform            ? 
_struct_ref.pdbx_seq_one_letter_code   ? 
_struct_ref.pdbx_align_begin           ? 
# 
loop_
_struct_ref_seq.align_id 
_struct_ref_seq.ref_id 
_struct_ref_seq.pdbx_PDB_id_code 
_struct_ref_seq.pdbx_strand_id 
_struct_ref_seq.seq_align_beg 
_struct_ref_seq.pdbx_seq_align_beg_ins_code 
_struct_ref_seq.seq_align_end 
_struct_ref_seq.pdbx_seq_align_end_ins_code 
_struct_ref_seq.pdbx_db_accession 
_struct_ref_seq.db_align_beg 
_struct_ref_seq.pdbx_db_align_beg_ins_code 
_struct_ref_seq.db_align_end 
_struct_ref_seq.pdbx_db_align_end_ins_code 
_struct_ref_seq.pdbx_auth_seq_align_beg 
_struct_ref_seq.pdbx_auth_seq_align_end 
1 1 1HQ7 A 1 ? 12 ? 1HQ7 1  ? 12 ? 1  12 
2 1 1HQ7 B 1 ? 12 ? 1HQ7 13 ? 24 ? 13 24 
# 
_pdbx_struct_assembly.id                   1 
_pdbx_struct_assembly.details              author_defined_assembly 
_pdbx_struct_assembly.method_details       ? 
_pdbx_struct_assembly.oligomeric_details   dimeric 
_pdbx_struct_assembly.oligomeric_count     2 
# 
_pdbx_struct_assembly_gen.assembly_id       1 
_pdbx_struct_assembly_gen.oper_expression   1 
_pdbx_struct_assembly_gen.asym_id_list      A,B,C,D 
# 
_pdbx_struct_oper_list.id                   1 
_pdbx_struct_oper_list.type                 'identity operation' 
_pdbx_struct_oper_list.name                 1_555 
_pdbx_struct_oper_list.symmetry_operation   x,y,z 
_pdbx_struct_oper_list.matrix[1][1]         1.0000000000 
_pdbx_struct_oper_list.matrix[1][2]         0.0000000000 
_pdbx_struct_oper_list.matrix[1][3]         0.0000000000 
_pdbx_struct_oper_list.vector[1]            0.0000000000 
_pdbx_struct_oper_list.matrix[2][1]         0.0000000000 
_pdbx_struct_oper_list.matrix[2][2]         1.0000000000 
_pdbx_struct_oper_list.matrix[2][3]         0.0000000000 
_pdbx_struct_oper_list.vector[2]            0.0000000000 
_pdbx_struct_oper_list.matrix[3][1]         0.0000000000 
_pdbx_struct_oper_list.matrix[3][2]         0.0000000000 
_pdbx_struct_oper_list.matrix[3][3]         1.0000000000 
_pdbx_struct_oper_list.vector[3]            0.0000000000 
# 
_struct_biol.id                    1 
_struct_biol.details               'The biological assembly is a DNA duplex' 
_struct_biol.pdbx_parent_biol_id   ? 
# 
loop_
_struct_conn.id 
_struct_conn.conn_type_id 
_struct_conn.pdbx_leaving_atom_flag 
_struct_conn.pdbx_PDB_id 
_struct_conn.ptnr1_label_asym_id 
_struct_conn.ptnr1_label_comp_id 
_struct_conn.ptnr1_label_seq_id 
_struct_conn.ptnr1_label_atom_id 
_struct_conn.pdbx_ptnr1_label_alt_id 
_struct_conn.pdbx_ptnr1_PDB_ins_code 
_struct_conn.pdbx_ptnr1_standard_comp_id 
_struct_conn.ptnr1_symmetry 
_struct_conn.ptnr2_label_asym_id 
_struct_conn.ptnr2_label_comp_id 
_struct_conn.ptnr2_label_seq_id 
_struct_conn.ptnr2_label_atom_id 
_struct_conn.pdbx_ptnr2_label_alt_id 
_struct_conn.pdbx_ptnr2_PDB_ins_code 
_struct_conn.ptnr1_auth_asym_id 
_struct_conn.ptnr1_auth_comp_id 
_struct_conn.ptnr1_auth_seq_id 
_struct_conn.ptnr2_auth_asym_id 
_struct_conn.ptnr2_auth_comp_id 
_struct_conn.ptnr2_auth_seq_id 
_struct_conn.ptnr2_symmetry 
_struct_conn.pdbx_ptnr3_label_atom_id 
_struct_conn.pdbx_ptnr3_label_seq_id 
_struct_conn.pdbx_ptnr3_label_comp_id 
_struct_conn.pdbx_ptnr3_label_asym_id 
_struct_conn.pdbx_ptnr3_label_alt_id 
_struct_conn.pdbx_ptnr3_PDB_ins_code 
_struct_conn.details 
_struct_conn.pdbx_dist_value 
_struct_conn.pdbx_value_order 
_struct_conn.pdbx_role 
hydrog1  hydrog ? ? A DG 1  N1 ? ? ? 1_555 B DC 12 N3 ? ? A DG 1  B DC 24 1_555 ? ? ? ? ? ? WATSON-CRICK ? ? ? 
hydrog2  hydrog ? ? A DG 1  N2 ? ? ? 1_555 B DC 12 O2 ? ? A DG 1  B DC 24 1_555 ? ? ? ? ? ? WATSON-CRICK ? ? ? 
hydrog3  hydrog ? ? A DG 1  O6 ? ? ? 1_555 B DC 12 N4 ? ? A DG 1  B DC 24 1_555 ? ? ? ? ? ? WATSON-CRICK ? ? ? 
hydrog4  hydrog ? ? A DC 2  N3 ? ? ? 1_555 B DG 11 N1 ? ? A DC 2  B DG 23 1_555 ? ? ? ? ? ? WATSON-CRICK ? ? ? 
hydrog5  hydrog ? ? A DC 2  N4 ? ? ? 1_555 B DG 11 O6 ? ? A DC 2  B DG 23 1_555 ? ? ? ? ? ? WATSON-CRICK ? ? ? 
hydrog6  hydrog ? ? A DC 2  O2 ? ? ? 1_555 B DG 11 N2 ? ? A DC 2  B DG 23 1_555 ? ? ? ? ? ? WATSON-CRICK ? ? ? 
hydrog7  hydrog ? ? A DA 3  N1 ? ? ? 1_555 B DT 10 N3 ? ? A DA 3  B DT 22 1_555 ? ? ? ? ? ? WATSON-CRICK ? ? ? 
hydrog8  hydrog ? ? A DA 3  N6 ? ? ? 1_555 B DT 10 O4 ? ? A DA 3  B DT 22 1_555 ? ? ? ? ? ? WATSON-CRICK ? ? ? 
hydrog9  hydrog ? ? A DA 4  N1 ? ? ? 1_555 B DT 9  N3 ? ? A DA 4  B DT 21 1_555 ? ? ? ? ? ? WATSON-CRICK ? ? ? 
hydrog10 hydrog ? ? A DA 4  N6 ? ? ? 1_555 B DT 9  O4 ? ? A DA 4  B DT 21 1_555 ? ? ? ? ? ? WATSON-CRICK ? ? ? 
hydrog11 hydrog ? ? A DA 5  N1 ? ? ? 1_555 B DT 8  N3 ? ? A DA 5  B DT 20 1_555 ? ? ? ? ? ? WATSON-CRICK ? ? ? 
hydrog12 hydrog ? ? A DA 5  N6 ? ? ? 1_555 B DT 8  O4 ? ? A DA 5  B DT 20 1_555 ? ? ? ? ? ? WATSON-CRICK ? ? ? 
hydrog13 hydrog ? ? A DC 6  N3 ? ? ? 1_555 B DG 7  N1 ? ? A DC 6  B DG 19 1_555 ? ? ? ? ? ? WATSON-CRICK ? ? ? 
hydrog14 hydrog ? ? A DC 6  N4 ? ? ? 1_555 B DG 7  O6 ? ? A DC 6  B DG 19 1_555 ? ? ? ? ? ? WATSON-CRICK ? ? ? 
hydrog15 hydrog ? ? A DC 6  O2 ? ? ? 1_555 B DG 7  N2 ? ? A DC 6  B DG 19 1_555 ? ? ? ? ? ? WATSON-CRICK ? ? ? 
hydrog16 hydrog ? ? A DG 7  N1 ? ? ? 1_555 B DC 6  N3 ? ? A DG 7  B DC 18 1_555 ? ? ? ? ? ? WATSON-CRICK ? ? ? 
hydrog17 hydrog ? ? A DG 7  N2 ? ? ? 1_555 B DC 6  O2 ? ? A DG 7  B DC 18 1_555 ? ? ? ? ? ? WATSON-CRICK ? ? ? 
hydrog18 hydrog ? ? A DG 7  O6 ? ? ? 1_555 B DC 6  N4 ? ? A DG 7  B DC 18 1_555 ? ? ? ? ? ? WATSON-CRICK ? ? ? 
hydrog19 hydrog ? ? A DT 8  N3 ? ? ? 1_555 B DA 5  N1 ? ? A DT 8  B DA 17 1_555 ? ? ? ? ? ? WATSON-CRICK ? ? ? 
hydrog20 hydrog ? ? A DT 8  O4 ? ? ? 1_555 B DA 5  N6 ? ? A DT 8  B DA 17 1_555 ? ? ? ? ? ? WATSON-CRICK ? ? ? 
hydrog21 hydrog ? ? A DT 9  N3 ? ? ? 1_555 B DA 4  N1 ? ? A DT 9  B DA 16 1_555 ? ? ? ? ? ? WATSON-CRICK ? ? ? 
hydrog22 hydrog ? ? A DT 9  O4 ? ? ? 1_555 B DA 4  N6 ? ? A DT 9  B DA 16 1_555 ? ? ? ? ? ? WATSON-CRICK ? ? ? 
hydrog23 hydrog ? ? A DT 10 N3 ? ? ? 1_555 B DA 3  N1 ? ? A DT 10 B DA 15 1_555 ? ? ? ? ? ? WATSON-CRICK ? ? ? 
hydrog24 hydrog ? ? A DT 10 O4 ? ? ? 1_555 B DA 3  N6 ? ? A DT 10 B DA 15 1_555 ? ? ? ? ? ? WATSON-CRICK ? ? ? 
hydrog25 hydrog ? ? A DG 11 N1 ? ? ? 1_555 B DC 2  N3 ? ? A DG 11 B DC 14 1_555 ? ? ? ? ? ? WATSON-CRICK ? ? ? 
hydrog26 hydrog ? ? A DG 11 N2 ? ? ? 1_555 B DC 2  O2 ? ? A DG 11 B DC 14 1_555 ? ? ? ? ? ? WATSON-CRICK ? ? ? 
hydrog27 hydrog ? ? A DG 11 O6 ? ? ? 1_555 B DC 2  N4 ? ? A DG 11 B DC 14 1_555 ? ? ? ? ? ? WATSON-CRICK ? ? ? 
hydrog28 hydrog ? ? A DC 12 N3 ? ? ? 1_555 B DG 1  N1 ? ? A DC 12 B DG 13 1_555 ? ? ? ? ? ? WATSON-CRICK ? ? ? 
hydrog29 hydrog ? ? A DC 12 N4 ? ? ? 1_555 B DG 1  O6 ? ? A DC 12 B DG 13 1_555 ? ? ? ? ? ? WATSON-CRICK ? ? ? 
hydrog30 hydrog ? ? A DC 12 O2 ? ? ? 1_555 B DG 1  N2 ? ? A DC 12 B DG 13 1_555 ? ? ? ? ? ? WATSON-CRICK ? ? ? 
# 
_struct_conn_type.id          hydrog 
_struct_conn_type.criteria    ? 
_struct_conn_type.reference   ? 
# 
loop_
_pdbx_validate_close_contact.id 
_pdbx_validate_close_contact.PDB_model_num 
_pdbx_validate_close_contact.auth_atom_id_1 
_pdbx_validate_close_contact.auth_asym_id_1 
_pdbx_validate_close_contact.auth_comp_id_1 
_pdbx_validate_close_contact.auth_seq_id_1 
_pdbx_validate_close_contact.PDB_ins_code_1 
_pdbx_validate_close_contact.label_alt_id_1 
_pdbx_validate_close_contact.auth_atom_id_2 
_pdbx_validate_close_contact.auth_asym_id_2 
_pdbx_validate_close_contact.auth_comp_id_2 
_pdbx_validate_close_contact.auth_seq_id_2 
_pdbx_validate_close_contact.PDB_ins_code_2 
_pdbx_validate_close_contact.label_alt_id_2 
_pdbx_validate_close_contact.dist 
1 1 OP2 A DG 11 ? ? O A HOH 28 ? ? 1.87 
2 1 OP1 B DA 16 ? ? O B HOH 60 ? ? 2.19 
# 
loop_
_pdbx_validate_symm_contact.id 
_pdbx_validate_symm_contact.PDB_model_num 
_pdbx_validate_symm_contact.auth_atom_id_1 
_pdbx_validate_symm_contact.auth_asym_id_1 
_pdbx_validate_symm_contact.auth_comp_id_1 
_pdbx_validate_symm_contact.auth_seq_id_1 
_pdbx_validate_symm_contact.PDB_ins_code_1 
_pdbx_validate_symm_contact.label_alt_id_1 
_pdbx_validate_symm_contact.site_symmetry_1 
_pdbx_validate_symm_contact.auth_atom_id_2 
_pdbx_validate_symm_contact.auth_asym_id_2 
_pdbx_validate_symm_contact.auth_comp_id_2 
_pdbx_validate_symm_contact.auth_seq_id_2 
_pdbx_validate_symm_contact.PDB_ins_code_2 
_pdbx_validate_symm_contact.label_alt_id_2 
_pdbx_validate_symm_contact.site_symmetry_2 
_pdbx_validate_symm_contact.dist 
1 1 O A HOH 35 ? ? 1_555 O B HOH 60 ? ? 4_555 1.89 
2 1 O A HOH 49 ? ? 1_555 O A HOH 50 ? ? 4_555 1.93 
3 1 O B HOH 27 ? ? 1_555 O B HOH 92 ? ? 4_555 2.17 
# 
loop_
_pdbx_validate_rmsd_bond.id 
_pdbx_validate_rmsd_bond.PDB_model_num 
_pdbx_validate_rmsd_bond.auth_atom_id_1 
_pdbx_validate_rmsd_bond.auth_asym_id_1 
_pdbx_validate_rmsd_bond.auth_comp_id_1 
_pdbx_validate_rmsd_bond.auth_seq_id_1 
_pdbx_validate_rmsd_bond.PDB_ins_code_1 
_pdbx_validate_rmsd_bond.label_alt_id_1 
_pdbx_validate_rmsd_bond.auth_atom_id_2 
_pdbx_validate_rmsd_bond.auth_asym_id_2 
_pdbx_validate_rmsd_bond.auth_comp_id_2 
_pdbx_validate_rmsd_bond.auth_seq_id_2 
_pdbx_validate_rmsd_bond.PDB_ins_code_2 
_pdbx_validate_rmsd_bond.label_alt_id_2 
_pdbx_validate_rmsd_bond.bond_value 
_pdbx_validate_rmsd_bond.bond_target_value 
_pdbx_validate_rmsd_bond.bond_deviation 
_pdbx_validate_rmsd_bond.bond_standard_deviation 
_pdbx_validate_rmsd_bond.linker_flag 
1 1 "O3'" A DA 3  ? ? "C3'" A DA 3  ? ? 1.383 1.419 -0.036 0.006 N 
2 1 C4    A DT 8  ? ? C5    A DT 8  ? ? 1.505 1.445 0.060  0.009 N 
3 1 N1    A DT 9  ? ? C2    A DT 9  ? ? 1.424 1.376 0.048  0.008 N 
4 1 C5    A DG 11 ? ? C6    A DG 11 ? ? 1.359 1.419 -0.060 0.010 N 
5 1 N1    B DT 22 ? ? C2    B DT 22 ? ? 1.425 1.376 0.049  0.008 N 
# 
_pdbx_validate_rmsd_angle.id                         1 
_pdbx_validate_rmsd_angle.PDB_model_num              1 
_pdbx_validate_rmsd_angle.auth_atom_id_1             "O3'" 
_pdbx_validate_rmsd_angle.auth_asym_id_1             B 
_pdbx_validate_rmsd_angle.auth_comp_id_1             DA 
_pdbx_validate_rmsd_angle.auth_seq_id_1              17 
_pdbx_validate_rmsd_angle.PDB_ins_code_1             ? 
_pdbx_validate_rmsd_angle.label_alt_id_1             ? 
_pdbx_validate_rmsd_angle.auth_atom_id_2             P 
_pdbx_validate_rmsd_angle.auth_asym_id_2             B 
_pdbx_validate_rmsd_angle.auth_comp_id_2             DC 
_pdbx_validate_rmsd_angle.auth_seq_id_2              18 
_pdbx_validate_rmsd_angle.PDB_ins_code_2             ? 
_pdbx_validate_rmsd_angle.label_alt_id_2             ? 
_pdbx_validate_rmsd_angle.auth_atom_id_3             OP2 
_pdbx_validate_rmsd_angle.auth_asym_id_3             B 
_pdbx_validate_rmsd_angle.auth_comp_id_3             DC 
_pdbx_validate_rmsd_angle.auth_seq_id_3              18 
_pdbx_validate_rmsd_angle.PDB_ins_code_3             ? 
_pdbx_validate_rmsd_angle.label_alt_id_3             ? 
_pdbx_validate_rmsd_angle.angle_value                119.16 
_pdbx_validate_rmsd_angle.angle_target_value         110.50 
_pdbx_validate_rmsd_angle.angle_deviation            8.66 
_pdbx_validate_rmsd_angle.angle_standard_deviation   1.10 
_pdbx_validate_rmsd_angle.linker_flag                Y 
# 
_pdbx_validate_planes.id              1 
_pdbx_validate_planes.PDB_model_num   1 
_pdbx_validate_planes.auth_comp_id    DT 
_pdbx_validate_planes.auth_asym_id    B 
_pdbx_validate_planes.auth_seq_id     21 
_pdbx_validate_planes.PDB_ins_code    ? 
_pdbx_validate_planes.label_alt_id    ? 
_pdbx_validate_planes.rmsd            0.070 
_pdbx_validate_planes.type            'SIDE CHAIN' 
# 
loop_
_pdbx_struct_special_symmetry.id 
_pdbx_struct_special_symmetry.PDB_model_num 
_pdbx_struct_special_symmetry.auth_asym_id 
_pdbx_struct_special_symmetry.auth_comp_id 
_pdbx_struct_special_symmetry.auth_seq_id 
_pdbx_struct_special_symmetry.PDB_ins_code 
_pdbx_struct_special_symmetry.label_asym_id 
_pdbx_struct_special_symmetry.label_comp_id 
_pdbx_struct_special_symmetry.label_seq_id 
1 1 B HOH 67 ? D HOH . 
2 1 B HOH 70 ? D HOH . 
# 
loop_
_chem_comp_atom.comp_id 
_chem_comp_atom.atom_id 
_chem_comp_atom.type_symbol 
_chem_comp_atom.pdbx_aromatic_flag 
_chem_comp_atom.pdbx_stereo_config 
_chem_comp_atom.pdbx_ordinal 
DA  OP3    O N N 1   
DA  P      P N N 2   
DA  OP1    O N N 3   
DA  OP2    O N N 4   
DA  "O5'"  O N N 5   
DA  "C5'"  C N N 6   
DA  "C4'"  C N R 7   
DA  "O4'"  O N N 8   
DA  "C3'"  C N S 9   
DA  "O3'"  O N N 10  
DA  "C2'"  C N N 11  
DA  "C1'"  C N R 12  
DA  N9     N Y N 13  
DA  C8     C Y N 14  
DA  N7     N Y N 15  
DA  C5     C Y N 16  
DA  C6     C Y N 17  
DA  N6     N N N 18  
DA  N1     N Y N 19  
DA  C2     C Y N 20  
DA  N3     N Y N 21  
DA  C4     C Y N 22  
DA  HOP3   H N N 23  
DA  HOP2   H N N 24  
DA  "H5'"  H N N 25  
DA  "H5''" H N N 26  
DA  "H4'"  H N N 27  
DA  "H3'"  H N N 28  
DA  "HO3'" H N N 29  
DA  "H2'"  H N N 30  
DA  "H2''" H N N 31  
DA  "H1'"  H N N 32  
DA  H8     H N N 33  
DA  H61    H N N 34  
DA  H62    H N N 35  
DA  H2     H N N 36  
DC  OP3    O N N 37  
DC  P      P N N 38  
DC  OP1    O N N 39  
DC  OP2    O N N 40  
DC  "O5'"  O N N 41  
DC  "C5'"  C N N 42  
DC  "C4'"  C N R 43  
DC  "O4'"  O N N 44  
DC  "C3'"  C N S 45  
DC  "O3'"  O N N 46  
DC  "C2'"  C N N 47  
DC  "C1'"  C N R 48  
DC  N1     N N N 49  
DC  C2     C N N 50  
DC  O2     O N N 51  
DC  N3     N N N 52  
DC  C4     C N N 53  
DC  N4     N N N 54  
DC  C5     C N N 55  
DC  C6     C N N 56  
DC  HOP3   H N N 57  
DC  HOP2   H N N 58  
DC  "H5'"  H N N 59  
DC  "H5''" H N N 60  
DC  "H4'"  H N N 61  
DC  "H3'"  H N N 62  
DC  "HO3'" H N N 63  
DC  "H2'"  H N N 64  
DC  "H2''" H N N 65  
DC  "H1'"  H N N 66  
DC  H41    H N N 67  
DC  H42    H N N 68  
DC  H5     H N N 69  
DC  H6     H N N 70  
DG  OP3    O N N 71  
DG  P      P N N 72  
DG  OP1    O N N 73  
DG  OP2    O N N 74  
DG  "O5'"  O N N 75  
DG  "C5'"  C N N 76  
DG  "C4'"  C N R 77  
DG  "O4'"  O N N 78  
DG  "C3'"  C N S 79  
DG  "O3'"  O N N 80  
DG  "C2'"  C N N 81  
DG  "C1'"  C N R 82  
DG  N9     N Y N 83  
DG  C8     C Y N 84  
DG  N7     N Y N 85  
DG  C5     C Y N 86  
DG  C6     C N N 87  
DG  O6     O N N 88  
DG  N1     N N N 89  
DG  C2     C N N 90  
DG  N2     N N N 91  
DG  N3     N N N 92  
DG  C4     C Y N 93  
DG  HOP3   H N N 94  
DG  HOP2   H N N 95  
DG  "H5'"  H N N 96  
DG  "H5''" H N N 97  
DG  "H4'"  H N N 98  
DG  "H3'"  H N N 99  
DG  "HO3'" H N N 100 
DG  "H2'"  H N N 101 
DG  "H2''" H N N 102 
DG  "H1'"  H N N 103 
DG  H8     H N N 104 
DG  H1     H N N 105 
DG  H21    H N N 106 
DG  H22    H N N 107 
DT  OP3    O N N 108 
DT  P      P N N 109 
DT  OP1    O N N 110 
DT  OP2    O N N 111 
DT  "O5'"  O N N 112 
DT  "C5'"  C N N 113 
DT  "C4'"  C N R 114 
DT  "O4'"  O N N 115 
DT  "C3'"  C N S 116 
DT  "O3'"  O N N 117 
DT  "C2'"  C N N 118 
DT  "C1'"  C N R 119 
DT  N1     N N N 120 
DT  C2     C N N 121 
DT  O2     O N N 122 
DT  N3     N N N 123 
DT  C4     C N N 124 
DT  O4     O N N 125 
DT  C5     C N N 126 
DT  C7     C N N 127 
DT  C6     C N N 128 
DT  HOP3   H N N 129 
DT  HOP2   H N N 130 
DT  "H5'"  H N N 131 
DT  "H5''" H N N 132 
DT  "H4'"  H N N 133 
DT  "H3'"  H N N 134 
DT  "HO3'" H N N 135 
DT  "H2'"  H N N 136 
DT  "H2''" H N N 137 
DT  "H1'"  H N N 138 
DT  H3     H N N 139 
DT  H71    H N N 140 
DT  H72    H N N 141 
DT  H73    H N N 142 
DT  H6     H N N 143 
HOH O      O N N 144 
HOH H1     H N N 145 
HOH H2     H N N 146 
# 
loop_
_chem_comp_bond.comp_id 
_chem_comp_bond.atom_id_1 
_chem_comp_bond.atom_id_2 
_chem_comp_bond.value_order 
_chem_comp_bond.pdbx_aromatic_flag 
_chem_comp_bond.pdbx_stereo_config 
_chem_comp_bond.pdbx_ordinal 
DA  OP3   P      sing N N 1   
DA  OP3   HOP3   sing N N 2   
DA  P     OP1    doub N N 3   
DA  P     OP2    sing N N 4   
DA  P     "O5'"  sing N N 5   
DA  OP2   HOP2   sing N N 6   
DA  "O5'" "C5'"  sing N N 7   
DA  "C5'" "C4'"  sing N N 8   
DA  "C5'" "H5'"  sing N N 9   
DA  "C5'" "H5''" sing N N 10  
DA  "C4'" "O4'"  sing N N 11  
DA  "C4'" "C3'"  sing N N 12  
DA  "C4'" "H4'"  sing N N 13  
DA  "O4'" "C1'"  sing N N 14  
DA  "C3'" "O3'"  sing N N 15  
DA  "C3'" "C2'"  sing N N 16  
DA  "C3'" "H3'"  sing N N 17  
DA  "O3'" "HO3'" sing N N 18  
DA  "C2'" "C1'"  sing N N 19  
DA  "C2'" "H2'"  sing N N 20  
DA  "C2'" "H2''" sing N N 21  
DA  "C1'" N9     sing N N 22  
DA  "C1'" "H1'"  sing N N 23  
DA  N9    C8     sing Y N 24  
DA  N9    C4     sing Y N 25  
DA  C8    N7     doub Y N 26  
DA  C8    H8     sing N N 27  
DA  N7    C5     sing Y N 28  
DA  C5    C6     sing Y N 29  
DA  C5    C4     doub Y N 30  
DA  C6    N6     sing N N 31  
DA  C6    N1     doub Y N 32  
DA  N6    H61    sing N N 33  
DA  N6    H62    sing N N 34  
DA  N1    C2     sing Y N 35  
DA  C2    N3     doub Y N 36  
DA  C2    H2     sing N N 37  
DA  N3    C4     sing Y N 38  
DC  OP3   P      sing N N 39  
DC  OP3   HOP3   sing N N 40  
DC  P     OP1    doub N N 41  
DC  P     OP2    sing N N 42  
DC  P     "O5'"  sing N N 43  
DC  OP2   HOP2   sing N N 44  
DC  "O5'" "C5'"  sing N N 45  
DC  "C5'" "C4'"  sing N N 46  
DC  "C5'" "H5'"  sing N N 47  
DC  "C5'" "H5''" sing N N 48  
DC  "C4'" "O4'"  sing N N 49  
DC  "C4'" "C3'"  sing N N 50  
DC  "C4'" "H4'"  sing N N 51  
DC  "O4'" "C1'"  sing N N 52  
DC  "C3'" "O3'"  sing N N 53  
DC  "C3'" "C2'"  sing N N 54  
DC  "C3'" "H3'"  sing N N 55  
DC  "O3'" "HO3'" sing N N 56  
DC  "C2'" "C1'"  sing N N 57  
DC  "C2'" "H2'"  sing N N 58  
DC  "C2'" "H2''" sing N N 59  
DC  "C1'" N1     sing N N 60  
DC  "C1'" "H1'"  sing N N 61  
DC  N1    C2     sing N N 62  
DC  N1    C6     sing N N 63  
DC  C2    O2     doub N N 64  
DC  C2    N3     sing N N 65  
DC  N3    C4     doub N N 66  
DC  C4    N4     sing N N 67  
DC  C4    C5     sing N N 68  
DC  N4    H41    sing N N 69  
DC  N4    H42    sing N N 70  
DC  C5    C6     doub N N 71  
DC  C5    H5     sing N N 72  
DC  C6    H6     sing N N 73  
DG  OP3   P      sing N N 74  
DG  OP3   HOP3   sing N N 75  
DG  P     OP1    doub N N 76  
DG  P     OP2    sing N N 77  
DG  P     "O5'"  sing N N 78  
DG  OP2   HOP2   sing N N 79  
DG  "O5'" "C5'"  sing N N 80  
DG  "C5'" "C4'"  sing N N 81  
DG  "C5'" "H5'"  sing N N 82  
DG  "C5'" "H5''" sing N N 83  
DG  "C4'" "O4'"  sing N N 84  
DG  "C4'" "C3'"  sing N N 85  
DG  "C4'" "H4'"  sing N N 86  
DG  "O4'" "C1'"  sing N N 87  
DG  "C3'" "O3'"  sing N N 88  
DG  "C3'" "C2'"  sing N N 89  
DG  "C3'" "H3'"  sing N N 90  
DG  "O3'" "HO3'" sing N N 91  
DG  "C2'" "C1'"  sing N N 92  
DG  "C2'" "H2'"  sing N N 93  
DG  "C2'" "H2''" sing N N 94  
DG  "C1'" N9     sing N N 95  
DG  "C1'" "H1'"  sing N N 96  
DG  N9    C8     sing Y N 97  
DG  N9    C4     sing Y N 98  
DG  C8    N7     doub Y N 99  
DG  C8    H8     sing N N 100 
DG  N7    C5     sing Y N 101 
DG  C5    C6     sing N N 102 
DG  C5    C4     doub Y N 103 
DG  C6    O6     doub N N 104 
DG  C6    N1     sing N N 105 
DG  N1    C2     sing N N 106 
DG  N1    H1     sing N N 107 
DG  C2    N2     sing N N 108 
DG  C2    N3     doub N N 109 
DG  N2    H21    sing N N 110 
DG  N2    H22    sing N N 111 
DG  N3    C4     sing N N 112 
DT  OP3   P      sing N N 113 
DT  OP3   HOP3   sing N N 114 
DT  P     OP1    doub N N 115 
DT  P     OP2    sing N N 116 
DT  P     "O5'"  sing N N 117 
DT  OP2   HOP2   sing N N 118 
DT  "O5'" "C5'"  sing N N 119 
DT  "C5'" "C4'"  sing N N 120 
DT  "C5'" "H5'"  sing N N 121 
DT  "C5'" "H5''" sing N N 122 
DT  "C4'" "O4'"  sing N N 123 
DT  "C4'" "C3'"  sing N N 124 
DT  "C4'" "H4'"  sing N N 125 
DT  "O4'" "C1'"  sing N N 126 
DT  "C3'" "O3'"  sing N N 127 
DT  "C3'" "C2'"  sing N N 128 
DT  "C3'" "H3'"  sing N N 129 
DT  "O3'" "HO3'" sing N N 130 
DT  "C2'" "C1'"  sing N N 131 
DT  "C2'" "H2'"  sing N N 132 
DT  "C2'" "H2''" sing N N 133 
DT  "C1'" N1     sing N N 134 
DT  "C1'" "H1'"  sing N N 135 
DT  N1    C2     sing N N 136 
DT  N1    C6     sing N N 137 
DT  C2    O2     doub N N 138 
DT  C2    N3     sing N N 139 
DT  N3    C4     sing N N 140 
DT  N3    H3     sing N N 141 
DT  C4    O4     doub N N 142 
DT  C4    C5     sing N N 143 
DT  C5    C7     sing N N 144 
DT  C5    C6     doub N N 145 
DT  C7    H71    sing N N 146 
DT  C7    H72    sing N N 147 
DT  C7    H73    sing N N 148 
DT  C6    H6     sing N N 149 
HOH O     H1     sing N N 150 
HOH O     H2     sing N N 151 
# 
_ndb_struct_conf_na.entry_id   1HQ7 
_ndb_struct_conf_na.feature    'b-form double helix' 
# 
loop_
_ndb_struct_na_base_pair.model_number 
_ndb_struct_na_base_pair.i_label_asym_id 
_ndb_struct_na_base_pair.i_label_comp_id 
_ndb_struct_na_base_pair.i_label_seq_id 
_ndb_struct_na_base_pair.i_symmetry 
_ndb_struct_na_base_pair.j_label_asym_id 
_ndb_struct_na_base_pair.j_label_comp_id 
_ndb_struct_na_base_pair.j_label_seq_id 
_ndb_struct_na_base_pair.j_symmetry 
_ndb_struct_na_base_pair.shear 
_ndb_struct_na_base_pair.stretch 
_ndb_struct_na_base_pair.stagger 
_ndb_struct_na_base_pair.buckle 
_ndb_struct_na_base_pair.propeller 
_ndb_struct_na_base_pair.opening 
_ndb_struct_na_base_pair.pair_number 
_ndb_struct_na_base_pair.pair_name 
_ndb_struct_na_base_pair.i_auth_asym_id 
_ndb_struct_na_base_pair.i_auth_seq_id 
_ndb_struct_na_base_pair.i_PDB_ins_code 
_ndb_struct_na_base_pair.j_auth_asym_id 
_ndb_struct_na_base_pair.j_auth_seq_id 
_ndb_struct_na_base_pair.j_PDB_ins_code 
_ndb_struct_na_base_pair.hbond_type_28 
_ndb_struct_na_base_pair.hbond_type_12 
1 A DG 1  1_555 B DC 12 1_555 -0.125 -0.217 -0.209 -4.533  -2.230  -1.923 1  A_DG1:DC24_B  A 1  ? B 24 ? 19 1 
1 A DC 2  1_555 B DG 11 1_555 0.348  -0.158 -0.009 2.791   -4.678  -1.422 2  A_DC2:DG23_B  A 2  ? B 23 ? 19 1 
1 A DA 3  1_555 B DT 10 1_555 0.489  -0.059 0.002  14.135  -8.063  2.867  3  A_DA3:DT22_B  A 3  ? B 22 ? 20 1 
1 A DA 4  1_555 B DT 9  1_555 -0.151 -0.152 0.121  9.261   -15.178 2.234  4  A_DA4:DT21_B  A 4  ? B 21 ? 20 1 
1 A DA 5  1_555 B DT 8  1_555 0.037  -0.183 0.297  3.734   -11.929 1.602  5  A_DA5:DT20_B  A 5  ? B 20 ? 20 1 
1 A DC 6  1_555 B DG 7  1_555 0.167  -0.269 0.168  -1.830  -11.368 1.215  6  A_DC6:DG19_B  A 6  ? B 19 ? 19 1 
1 A DG 7  1_555 B DC 6  1_555 -0.345 -0.192 -0.113 -10.993 -11.628 2.133  7  A_DG7:DC18_B  A 7  ? B 18 ? 19 1 
1 A DT 8  1_555 B DA 5  1_555 -0.060 -0.084 0.038  -4.803  -14.163 3.773  8  A_DT8:DA17_B  A 8  ? B 17 ? 20 1 
1 A DT 9  1_555 B DA 4  1_555 -0.294 -0.280 0.081  -9.129  -17.664 -0.160 9  A_DT9:DA16_B  A 9  ? B 16 ? 20 1 
1 A DT 10 1_555 B DA 3  1_555 -0.164 -0.060 0.292  -11.303 -12.864 0.742  10 A_DT10:DA15_B A 10 ? B 15 ? 20 1 
1 A DG 11 1_555 B DC 2  1_555 -0.360 0.019  -0.101 -5.557  -2.891  -0.463 11 A_DG11:DC14_B A 11 ? B 14 ? 19 1 
1 A DC 12 1_555 B DG 1  1_555 0.069  -0.090 -0.080 3.139   -1.318  -1.628 12 A_DC12:DG13_B A 12 ? B 13 ? 19 1 
# 
loop_
_ndb_struct_na_base_pair_step.model_number 
_ndb_struct_na_base_pair_step.i_label_asym_id_1 
_ndb_struct_na_base_pair_step.i_label_comp_id_1 
_ndb_struct_na_base_pair_step.i_label_seq_id_1 
_ndb_struct_na_base_pair_step.i_symmetry_1 
_ndb_struct_na_base_pair_step.j_label_asym_id_1 
_ndb_struct_na_base_pair_step.j_label_comp_id_1 
_ndb_struct_na_base_pair_step.j_label_seq_id_1 
_ndb_struct_na_base_pair_step.j_symmetry_1 
_ndb_struct_na_base_pair_step.i_label_asym_id_2 
_ndb_struct_na_base_pair_step.i_label_comp_id_2 
_ndb_struct_na_base_pair_step.i_label_seq_id_2 
_ndb_struct_na_base_pair_step.i_symmetry_2 
_ndb_struct_na_base_pair_step.j_label_asym_id_2 
_ndb_struct_na_base_pair_step.j_label_comp_id_2 
_ndb_struct_na_base_pair_step.j_label_seq_id_2 
_ndb_struct_na_base_pair_step.j_symmetry_2 
_ndb_struct_na_base_pair_step.shift 
_ndb_struct_na_base_pair_step.slide 
_ndb_struct_na_base_pair_step.rise 
_ndb_struct_na_base_pair_step.tilt 
_ndb_struct_na_base_pair_step.roll 
_ndb_struct_na_base_pair_step.twist 
_ndb_struct_na_base_pair_step.x_displacement 
_ndb_struct_na_base_pair_step.y_displacement 
_ndb_struct_na_base_pair_step.helical_rise 
_ndb_struct_na_base_pair_step.inclination 
_ndb_struct_na_base_pair_step.tip 
_ndb_struct_na_base_pair_step.helical_twist 
_ndb_struct_na_base_pair_step.step_number 
_ndb_struct_na_base_pair_step.step_name 
_ndb_struct_na_base_pair_step.i_auth_asym_id_1 
_ndb_struct_na_base_pair_step.i_auth_seq_id_1 
_ndb_struct_na_base_pair_step.i_PDB_ins_code_1 
_ndb_struct_na_base_pair_step.j_auth_asym_id_1 
_ndb_struct_na_base_pair_step.j_auth_seq_id_1 
_ndb_struct_na_base_pair_step.j_PDB_ins_code_1 
_ndb_struct_na_base_pair_step.i_auth_asym_id_2 
_ndb_struct_na_base_pair_step.i_auth_seq_id_2 
_ndb_struct_na_base_pair_step.i_PDB_ins_code_2 
_ndb_struct_na_base_pair_step.j_auth_asym_id_2 
_ndb_struct_na_base_pair_step.j_auth_seq_id_2 
_ndb_struct_na_base_pair_step.j_PDB_ins_code_2 
1 A DG 1  1_555 B DC 12 1_555 A DC 2  1_555 B DG 11 1_555 -0.326 -0.294 3.177 -2.823 0.509  30.593 -0.653 0.076  3.188 0.962  
5.335  30.724 1  AA_DG1DC2:DG23DC24_BB   A 1  ? B 24 ? A 2  ? B 23 ? 
1 A DC 2  1_555 B DG 11 1_555 A DA 3  1_555 B DT 10 1_555 0.225  0.171  3.072 0.799  6.147  29.532 -0.856 -0.279 3.050 11.895 
-1.545 30.161 2  AA_DC2DA3:DT22DG23_BB   A 2  ? B 23 ? A 3  ? B 22 ? 
1 A DA 3  1_555 B DT 10 1_555 A DA 4  1_555 B DT 9  1_555 -0.588 0.366  3.323 -3.146 -5.208 38.996 1.166  0.493  3.285 -7.744 
4.678  39.449 3  AA_DA3DA4:DT21DT22_BB   A 3  ? B 22 ? A 4  ? B 21 ? 
1 A DA 4  1_555 B DT 9  1_555 A DA 5  1_555 B DT 8  1_555 0.184  -0.192 3.272 -1.028 -2.461 38.913 0.010  -0.400 3.272 -3.688 
1.541  39.001 4  AA_DA4DA5:DT20DT21_BB   A 4  ? B 21 ? A 5  ? B 20 ? 
1 A DA 5  1_555 B DT 8  1_555 A DC 6  1_555 B DG 7  1_555 0.349  -0.693 3.347 0.856  -0.841 36.058 -0.996 -0.439 3.369 -1.357 
-1.383 36.077 5  AA_DA5DC6:DG19DT20_BB   A 5  ? B 20 ? A 6  ? B 19 ? 
1 A DC 6  1_555 B DG 7  1_555 A DG 7  1_555 B DC 6  1_555 0.601  0.261  3.514 4.729  6.383  39.280 -0.417 -0.286 3.558 9.378  
-6.949 40.044 6  AA_DC6DG7:DC18DG19_BB   A 6  ? B 19 ? A 7  ? B 18 ? 
1 A DG 7  1_555 B DC 6  1_555 A DT 8  1_555 B DA 5  1_555 -0.712 -0.442 3.071 -2.226 3.035  31.974 -1.306 0.910  3.059 5.485  
4.024  32.189 7  AA_DG7DT8:DA17DC18_BB   A 7  ? B 18 ? A 8  ? B 17 ? 
1 A DT 8  1_555 B DA 5  1_555 A DT 9  1_555 B DA 4  1_555 -0.044 0.094  3.399 -0.055 -2.362 38.451 0.445  0.060  3.388 -3.582 
0.084  38.521 8  AA_DT8DT9:DA16DA17_BB   A 8  ? B 17 ? A 9  ? B 16 ? 
1 A DT 9  1_555 B DA 4  1_555 A DT 10 1_555 B DA 3  1_555 -0.353 -0.018 3.400 -3.092 -1.881 31.562 0.328  0.053  3.414 -3.444 
5.662  31.764 9  AA_DT9DT10:DA15DA16_BB  A 9  ? B 16 ? A 10 ? B 15 ? 
1 A DT 10 1_555 B DA 3  1_555 A DG 11 1_555 B DC 2  1_555 0.394  1.146  3.236 3.104  1.555  41.724 1.441  -0.228 3.294 2.179  
-4.350 41.861 10 AA_DT10DG11:DC14DA15_BB A 10 ? B 15 ? A 11 ? B 14 ? 
1 A DG 11 1_555 B DC 2  1_555 A DC 12 1_555 B DG 1  1_555 -0.065 -0.176 3.107 -0.023 0.372  31.645 -0.389 0.115  3.105 0.682  
0.042  31.647 11 AA_DG11DC12:DG13DC14_BB A 11 ? B 14 ? A 12 ? B 13 ? 
# 
_atom_sites.entry_id                    1HQ7 
_atom_sites.fract_transf_matrix[1][1]   0.01666133 
_atom_sites.fract_transf_matrix[1][2]   0.02289510 
_atom_sites.fract_transf_matrix[1][3]   -0.00684361 
_atom_sites.fract_transf_matrix[2][1]   0.01266978 
_atom_sites.fract_transf_matrix[2][2]   0.00148489 
_atom_sites.fract_transf_matrix[2][3]   -0.02618945 
_atom_sites.fract_transf_matrix[3][1]   -0.00813530 
_atom_sites.fract_transf_matrix[3][2]   0.00482563 
_atom_sites.fract_transf_matrix[3][3]   -0.00366205 
_atom_sites.fract_transf_vector[1]      0.669546 
_atom_sites.fract_transf_vector[2]      0.588245 
_atom_sites.fract_transf_vector[3]      0.073363 
# 
loop_
_atom_type.symbol 
C 
N 
O 
P 
# 
loop_
_atom_site.group_PDB 
_atom_site.id 
_atom_site.type_symbol 
_atom_site.label_atom_id 
_atom_site.label_alt_id 
_atom_site.label_comp_id 
_atom_site.label_asym_id 
_atom_site.label_entity_id 
_atom_site.label_seq_id 
_atom_site.pdbx_PDB_ins_code 
_atom_site.Cartn_x 
_atom_site.Cartn_y 
_atom_site.Cartn_z 
_atom_site.occupancy 
_atom_site.B_iso_or_equiv 
_atom_site.pdbx_formal_charge 
_atom_site.auth_seq_id 
_atom_site.auth_comp_id 
_atom_site.auth_asym_id 
_atom_site.auth_atom_id 
_atom_site.pdbx_PDB_model_num 
ATOM   1   O "O5'" . DG  A 1 1  ? 12.030  16.728  -2.368  1.00 45.89 ? 1   DG  A "O5'" 1 
ATOM   2   C "C5'" . DG  A 1 1  ? 13.409  16.844  -1.985  1.00 44.93 ? 1   DG  A "C5'" 1 
ATOM   3   C "C4'" . DG  A 1 1  ? 13.774  15.683  -1.084  1.00 42.29 ? 1   DG  A "C4'" 1 
ATOM   4   O "O4'" . DG  A 1 1  ? 12.960  15.721  0.106   1.00 40.28 ? 1   DG  A "O4'" 1 
ATOM   5   C "C3'" . DG  A 1 1  ? 13.593  14.283  -1.663  1.00 43.61 ? 1   DG  A "C3'" 1 
ATOM   6   O "O3'" . DG  A 1 1  ? 14.527  13.450  -0.936  1.00 45.69 ? 1   DG  A "O3'" 1 
ATOM   7   C "C2'" . DG  A 1 1  ? 12.154  13.957  -1.280  1.00 41.94 ? 1   DG  A "C2'" 1 
ATOM   8   C "C1'" . DG  A 1 1  ? 12.037  14.606  0.107   1.00 40.72 ? 1   DG  A "C1'" 1 
ATOM   9   N N9    . DG  A 1 1  ? 10.703  15.148  0.371   1.00 37.45 ? 1   DG  A N9    1 
ATOM   10  C C8    . DG  A 1 1  ? 9.890   15.730  -0.571  1.00 36.40 ? 1   DG  A C8    1 
ATOM   11  N N7    . DG  A 1 1  ? 8.797   16.215  -0.057  1.00 36.02 ? 1   DG  A N7    1 
ATOM   12  C C5    . DG  A 1 1  ? 8.865   15.909  1.299   1.00 34.63 ? 1   DG  A C5    1 
ATOM   13  C C6    . DG  A 1 1  ? 7.940   16.148  2.348   1.00 33.39 ? 1   DG  A C6    1 
ATOM   14  O O6    . DG  A 1 1  ? 6.838   16.750  2.312   1.00 36.14 ? 1   DG  A O6    1 
ATOM   15  N N1    . DG  A 1 1  ? 8.387   15.612  3.540   1.00 34.28 ? 1   DG  A N1    1 
ATOM   16  C C2    . DG  A 1 1  ? 9.585   14.944  3.707   1.00 33.06 ? 1   DG  A C2    1 
ATOM   17  N N2    . DG  A 1 1  ? 9.894   14.501  4.968   1.00 33.16 ? 1   DG  A N2    1 
ATOM   18  N N3    . DG  A 1 1  ? 10.423  14.725  2.755   1.00 33.38 ? 1   DG  A N3    1 
ATOM   19  C C4    . DG  A 1 1  ? 10.023  15.231  1.580   1.00 35.13 ? 1   DG  A C4    1 
ATOM   20  P P     . DC  A 1 2  ? 14.607  11.859  -1.206  1.00 47.80 ? 2   DC  A P     1 
ATOM   21  O OP1   . DC  A 1 2  ? 16.056  11.486  -1.085  1.00 47.45 ? 2   DC  A OP1   1 
ATOM   22  O OP2   . DC  A 1 2  ? 13.866  11.561  -2.436  1.00 48.95 ? 2   DC  A OP2   1 
ATOM   23  O "O5'" . DC  A 1 2  ? 13.800  11.215  -0.004  1.00 45.03 ? 2   DC  A "O5'" 1 
ATOM   24  C "C5'" . DC  A 1 2  ? 14.215  11.502  1.284   1.00 44.94 ? 2   DC  A "C5'" 1 
ATOM   25  C "C4'" . DC  A 1 2  ? 13.377  10.772  2.296   1.00 44.32 ? 2   DC  A "C4'" 1 
ATOM   26  O "O4'" . DC  A 1 2  ? 12.167  11.467  2.605   1.00 43.38 ? 2   DC  A "O4'" 1 
ATOM   27  C "C3'" . DC  A 1 2  ? 12.997  9.318   2.012   1.00 44.63 ? 2   DC  A "C3'" 1 
ATOM   28  O "O3'" . DC  A 1 2  ? 13.096  8.612   3.251   1.00 44.63 ? 2   DC  A "O3'" 1 
ATOM   29  C "C2'" . DC  A 1 2  ? 11.539  9.420   1.620   1.00 43.79 ? 2   DC  A "C2'" 1 
ATOM   30  C "C1'" . DC  A 1 2  ? 11.086  10.552  2.532   1.00 43.75 ? 2   DC  A "C1'" 1 
ATOM   31  N N1    . DC  A 1 2  ? 9.936   11.287  2.025   1.00 39.95 ? 2   DC  A N1    1 
ATOM   32  C C2    . DC  A 1 2  ? 8.959   11.648  2.913   1.00 39.29 ? 2   DC  A C2    1 
ATOM   33  O O2    . DC  A 1 2  ? 9.109   11.356  4.116   1.00 38.65 ? 2   DC  A O2    1 
ATOM   34  N N3    . DC  A 1 2  ? 7.865   12.320  2.456   1.00 40.95 ? 2   DC  A N3    1 
ATOM   35  C C4    . DC  A 1 2  ? 7.772   12.618  1.156   1.00 39.84 ? 2   DC  A C4    1 
ATOM   36  N N4    . DC  A 1 2  ? 6.706   13.268  0.751   1.00 38.73 ? 2   DC  A N4    1 
ATOM   37  C C5    . DC  A 1 2  ? 8.785   12.249  0.223   1.00 39.13 ? 2   DC  A C5    1 
ATOM   38  C C6    . DC  A 1 2  ? 9.839   11.599  0.700   1.00 40.38 ? 2   DC  A C6    1 
ATOM   39  P P     . DA  A 1 3  ? 13.385  7.036   3.245   1.00 44.40 ? 3   DA  A P     1 
ATOM   40  O OP1   . DA  A 1 3  ? 14.556  6.819   4.102   1.00 43.16 ? 3   DA  A OP1   1 
ATOM   41  O OP2   . DA  A 1 3  ? 13.397  6.658   1.817   1.00 41.51 ? 3   DA  A OP2   1 
ATOM   42  O "O5'" . DA  A 1 3  ? 12.124  6.442   3.993   1.00 40.56 ? 3   DA  A "O5'" 1 
ATOM   43  C "C5'" . DA  A 1 3  ? 11.836  6.844   5.310   1.00 38.02 ? 3   DA  A "C5'" 1 
ATOM   44  C "C4'" . DA  A 1 3  ? 10.384  6.583   5.614   1.00 35.74 ? 3   DA  A "C4'" 1 
ATOM   45  O "O4'" . DA  A 1 3  ? 9.589   7.554   4.879   1.00 32.74 ? 3   DA  A "O4'" 1 
ATOM   46  C "C3'" . DA  A 1 3  ? 9.961   5.208   5.101   1.00 33.38 ? 3   DA  A "C3'" 1 
ATOM   47  O "O3'" . DA  A 1 3  ? 8.924   4.685   5.851   1.00 35.29 ? 3   DA  A "O3'" 1 
ATOM   48  C "C2'" . DA  A 1 3  ? 9.247   5.540   3.816   1.00 33.77 ? 3   DA  A "C2'" 1 
ATOM   49  C "C1'" . DA  A 1 3  ? 8.580   6.827   4.241   1.00 33.10 ? 3   DA  A "C1'" 1 
ATOM   50  N N9    . DA  A 1 3  ? 8.089   7.620   3.147   1.00 32.08 ? 3   DA  A N9    1 
ATOM   51  C C8    . DA  A 1 3  ? 8.521   7.662   1.872   1.00 29.41 ? 3   DA  A C8    1 
ATOM   52  N N7    . DA  A 1 3  ? 7.847   8.494   1.117   1.00 31.63 ? 3   DA  A N7    1 
ATOM   53  C C5    . DA  A 1 3  ? 6.870   9.009   1.970   1.00 30.29 ? 3   DA  A C5    1 
ATOM   54  C C6    . DA  A 1 3  ? 5.784   9.870   1.751   1.00 31.58 ? 3   DA  A C6    1 
ATOM   55  N N6    . DA  A 1 3  ? 5.506   10.433  0.550   1.00 30.72 ? 3   DA  A N6    1 
ATOM   56  N N1    . DA  A 1 3  ? 4.984   10.147  2.793   1.00 30.72 ? 3   DA  A N1    1 
ATOM   57  C C2    . DA  A 1 3  ? 5.290   9.588   3.999   1.00 32.24 ? 3   DA  A C2    1 
ATOM   58  N N3    . DA  A 1 3  ? 6.281   8.754   4.312   1.00 30.88 ? 3   DA  A N3    1 
ATOM   59  C C4    . DA  A 1 3  ? 7.031   8.502   3.232   1.00 31.45 ? 3   DA  A C4    1 
ATOM   60  P P     . DA  A 1 4  ? 9.222   3.708   7.043   1.00 36.06 ? 4   DA  A P     1 
ATOM   61  O OP1   . DA  A 1 4  ? 10.481  4.164   7.719   1.00 37.20 ? 4   DA  A OP1   1 
ATOM   62  O OP2   . DA  A 1 4  ? 9.086   2.355   6.606   1.00 36.03 ? 4   DA  A OP2   1 
ATOM   63  O "O5'" . DA  A 1 4  ? 7.977   3.895   7.985   1.00 34.49 ? 4   DA  A "O5'" 1 
ATOM   64  C "C5'" . DA  A 1 4  ? 7.886   4.990   8.876   1.00 33.84 ? 4   DA  A "C5'" 1 
ATOM   65  C "C4'" . DA  A 1 4  ? 6.431   5.342   9.071   1.00 34.70 ? 4   DA  A "C4'" 1 
ATOM   66  O "O4'" . DA  A 1 4  ? 5.966   5.975   7.843   1.00 36.68 ? 4   DA  A "O4'" 1 
ATOM   67  C "C3'" . DA  A 1 4  ? 5.488   4.158   9.308   1.00 35.20 ? 4   DA  A "C3'" 1 
ATOM   68  O "O3'" . DA  A 1 4  ? 4.531   4.541   10.288  1.00 36.21 ? 4   DA  A "O3'" 1 
ATOM   69  C "C2'" . DA  A 1 4  ? 4.882   3.910   7.936   1.00 35.25 ? 4   DA  A "C2'" 1 
ATOM   70  C "C1'" . DA  A 1 4  ? 4.857   5.282   7.313   1.00 34.70 ? 4   DA  A "C1'" 1 
ATOM   71  N N9    . DA  A 1 4  ? 4.963   5.356   5.859   1.00 34.32 ? 4   DA  A N9    1 
ATOM   72  C C8    . DA  A 1 4  ? 5.877   4.760   5.038   1.00 33.87 ? 4   DA  A C8    1 
ATOM   73  N N7    . DA  A 1 4  ? 5.735   5.090   3.778   1.00 32.31 ? 4   DA  A N7    1 
ATOM   74  C C5    . DA  A 1 4  ? 4.646   5.948   3.781   1.00 32.20 ? 4   DA  A C5    1 
ATOM   75  C C6    . DA  A 1 4  ? 3.992   6.652   2.753   1.00 30.70 ? 4   DA  A C6    1 
ATOM   76  N N6    . DA  A 1 4  ? 4.344   6.586   1.485   1.00 30.99 ? 4   DA  A N6    1 
ATOM   77  N N1    . DA  A 1 4  ? 2.948   7.425   3.079   1.00 30.09 ? 4   DA  A N1    1 
ATOM   78  C C2    . DA  A 1 4  ? 2.562   7.448   4.335   1.00 28.19 ? 4   DA  A C2    1 
ATOM   79  N N3    . DA  A 1 4  ? 3.079   6.833   5.388   1.00 33.53 ? 4   DA  A N3    1 
ATOM   80  C C4    . DA  A 1 4  ? 4.150   6.095   5.039   1.00 32.61 ? 4   DA  A C4    1 
ATOM   81  P P     . DA  A 1 5  ? 3.350   3.568   10.718  1.00 39.36 ? 5   DA  A P     1 
ATOM   82  O OP1   . DA  A 1 5  ? 2.902   4.023   12.009  1.00 39.07 ? 5   DA  A OP1   1 
ATOM   83  O OP2   . DA  A 1 5  ? 3.610   2.109   10.524  1.00 37.67 ? 5   DA  A OP2   1 
ATOM   84  O "O5'" . DA  A 1 5  ? 2.213   4.021   9.709   1.00 39.57 ? 5   DA  A "O5'" 1 
ATOM   85  C "C5'" . DA  A 1 5  ? 1.647   5.299   9.877   1.00 40.00 ? 5   DA  A "C5'" 1 
ATOM   86  C "C4'" . DA  A 1 5  ? 0.413   5.438   9.028   1.00 40.42 ? 5   DA  A "C4'" 1 
ATOM   87  O "O4'" . DA  A 1 5  ? 0.818   5.467   7.651   1.00 38.66 ? 5   DA  A "O4'" 1 
ATOM   88  C "C3'" . DA  A 1 5  ? -0.612  4.306   9.159   1.00 41.37 ? 5   DA  A "C3'" 1 
ATOM   89  O "O3'" . DA  A 1 5  ? -1.914  4.901   9.070   1.00 44.90 ? 5   DA  A "O3'" 1 
ATOM   90  C "C2'" . DA  A 1 5  ? -0.339  3.463   7.925   1.00 38.30 ? 5   DA  A "C2'" 1 
ATOM   91  C "C1'" . DA  A 1 5  ? 0.107   4.510   6.923   1.00 36.35 ? 5   DA  A "C1'" 1 
ATOM   92  N N9    . DA  A 1 5  ? 0.973   4.057   5.836   1.00 33.96 ? 5   DA  A N9    1 
ATOM   93  C C8    . DA  A 1 5  ? 2.036   3.198   5.868   1.00 30.55 ? 5   DA  A C8    1 
ATOM   94  N N7    . DA  A 1 5  ? 2.602   3.026   4.707   1.00 30.63 ? 5   DA  A N7    1 
ATOM   95  C C5    . DA  A 1 5  ? 1.871   3.825   3.844   1.00 29.48 ? 5   DA  A C5    1 
ATOM   96  C C6    . DA  A 1 5  ? 1.959   4.072   2.480   1.00 30.67 ? 5   DA  A C6    1 
ATOM   97  N N6    . DA  A 1 5  ? 2.953   3.632   1.702   1.00 30.22 ? 5   DA  A N6    1 
ATOM   98  N N1    . DA  A 1 5  ? 0.979   4.865   1.905   1.00 32.89 ? 5   DA  A N1    1 
ATOM   99  C C2    . DA  A 1 5  ? 0.051   5.404   2.698   1.00 28.31 ? 5   DA  A C2    1 
ATOM   100 N N3    . DA  A 1 5  ? -0.106  5.270   4.008   1.00 31.20 ? 5   DA  A N3    1 
ATOM   101 C C4    . DA  A 1 5  ? 0.846   4.451   4.525   1.00 32.71 ? 5   DA  A C4    1 
ATOM   102 P P     . DC  A 1 6  ? -3.220  4.055   9.508   1.00 45.09 ? 6   DC  A P     1 
ATOM   103 O OP1   . DC  A 1 6  ? -4.016  4.990   10.376  1.00 47.86 ? 6   DC  A OP1   1 
ATOM   104 O OP2   . DC  A 1 6  ? -2.848  2.757   10.043  1.00 47.12 ? 6   DC  A OP2   1 
ATOM   105 O "O5'" . DC  A 1 6  ? -3.885  3.933   8.097   1.00 43.13 ? 6   DC  A "O5'" 1 
ATOM   106 C "C5'" . DC  A 1 6  ? -3.958  5.111   7.377   1.00 40.80 ? 6   DC  A "C5'" 1 
ATOM   107 C "C4'" . DC  A 1 6  ? -4.284  4.827   5.944   1.00 40.31 ? 6   DC  A "C4'" 1 
ATOM   108 O "O4'" . DC  A 1 6  ? -3.152  4.473   5.136   1.00 36.83 ? 6   DC  A "O4'" 1 
ATOM   109 C "C3'" . DC  A 1 6  ? -5.347  3.782   5.713   1.00 40.56 ? 6   DC  A "C3'" 1 
ATOM   110 O "O3'" . DC  A 1 6  ? -6.325  4.437   4.949   1.00 44.80 ? 6   DC  A "O3'" 1 
ATOM   111 C "C2'" . DC  A 1 6  ? -4.660  2.748   4.837   1.00 38.35 ? 6   DC  A "C2'" 1 
ATOM   112 C "C1'" . DC  A 1 6  ? -3.572  3.579   4.143   1.00 38.06 ? 6   DC  A "C1'" 1 
ATOM   113 N N1    . DC  A 1 6  ? -2.382  2.814   3.709   1.00 34.51 ? 6   DC  A N1    1 
ATOM   114 C C2    . DC  A 1 6  ? -1.972  2.864   2.414   1.00 34.19 ? 6   DC  A C2    1 
ATOM   115 O O2    . DC  A 1 6  ? -2.564  3.583   1.648   1.00 33.30 ? 6   DC  A O2    1 
ATOM   116 N N3    . DC  A 1 6  ? -0.878  2.113   2.012   1.00 34.88 ? 6   DC  A N3    1 
ATOM   117 C C4    . DC  A 1 6  ? -0.221  1.369   2.907   1.00 31.82 ? 6   DC  A C4    1 
ATOM   118 N N4    . DC  A 1 6  ? 0.837   0.622   2.489   1.00 31.33 ? 6   DC  A N4    1 
ATOM   119 C C5    . DC  A 1 6  ? -0.605  1.338   4.249   1.00 32.67 ? 6   DC  A C5    1 
ATOM   120 C C6    . DC  A 1 6  ? -1.694  2.057   4.614   1.00 36.59 ? 6   DC  A C6    1 
ATOM   121 P P     . DG  A 1 7  ? -7.825  3.836   4.897   1.00 46.17 ? 7   DG  A P     1 
ATOM   122 O OP1   . DG  A 1 7  ? -8.727  5.020   4.882   1.00 47.90 ? 7   DG  A OP1   1 
ATOM   123 O OP2   . DG  A 1 7  ? -7.897  2.837   5.995   1.00 45.26 ? 7   DG  A OP2   1 
ATOM   124 O "O5'" . DG  A 1 7  ? -7.867  3.281   3.430   1.00 43.72 ? 7   DG  A "O5'" 1 
ATOM   125 C "C5'" . DG  A 1 7  ? -7.675  4.202   2.420   1.00 43.25 ? 7   DG  A "C5'" 1 
ATOM   126 C "C4'" . DG  A 1 7  ? -7.490  3.500   1.109   1.00 43.17 ? 7   DG  A "C4'" 1 
ATOM   127 O "O4'" . DG  A 1 7  ? -6.178  2.912   1.050   1.00 42.33 ? 7   DG  A "O4'" 1 
ATOM   128 C "C3'" . DG  A 1 7  ? -8.482  2.396   0.759   1.00 44.05 ? 7   DG  A "C3'" 1 
ATOM   129 O "O3'" . DG  A 1 7  ? -8.942  2.712   -0.546  1.00 46.75 ? 7   DG  A "O3'" 1 
ATOM   130 C "C2'" . DG  A 1 7  ? -7.633  1.135   0.685   1.00 42.09 ? 7   DG  A "C2'" 1 
ATOM   131 C "C1'" . DG  A 1 7  ? -6.242  1.690   0.364   1.00 40.60 ? 7   DG  A "C1'" 1 
ATOM   132 N N9    . DG  A 1 7  ? -5.174  0.869   0.919   1.00 35.74 ? 7   DG  A N9    1 
ATOM   133 C C8    . DG  A 1 7  ? -5.095  0.468   2.231   1.00 34.78 ? 7   DG  A C8    1 
ATOM   134 N N7    . DG  A 1 7  ? -4.057  -0.273  2.473   1.00 31.72 ? 7   DG  A N7    1 
ATOM   135 C C5    . DG  A 1 7  ? -3.378  -0.318  1.252   1.00 29.30 ? 7   DG  A C5    1 
ATOM   136 C C6    . DG  A 1 7  ? -2.160  -0.947  0.918   1.00 27.06 ? 7   DG  A C6    1 
ATOM   137 O O6    . DG  A 1 7  ? -1.387  -1.511  1.676   1.00 29.67 ? 7   DG  A O6    1 
ATOM   138 N N1    . DG  A 1 7  ? -1.865  -0.838  -0.432  1.00 24.24 ? 7   DG  A N1    1 
ATOM   139 C C2    . DG  A 1 7  ? -2.647  -0.133  -1.341  1.00 26.80 ? 7   DG  A C2    1 
ATOM   140 N N2    . DG  A 1 7  ? -2.222  -0.102  -2.616  1.00 27.44 ? 7   DG  A N2    1 
ATOM   141 N N3    . DG  A 1 7  ? -3.777  0.497   -1.011  1.00 27.38 ? 7   DG  A N3    1 
ATOM   142 C C4    . DG  A 1 7  ? -4.080  0.354   0.279   1.00 29.63 ? 7   DG  A C4    1 
ATOM   143 P P     . DT  A 1 8  ? -9.830  1.671   -1.358  1.00 47.57 ? 8   DT  A P     1 
ATOM   144 O OP1   . DT  A 1 8  ? -10.674 2.566   -2.171  1.00 48.62 ? 8   DT  A OP1   1 
ATOM   145 O OP2   . DT  A 1 8  ? -10.417 0.654   -0.437  1.00 46.89 ? 8   DT  A OP2   1 
ATOM   146 O "O5'" . DT  A 1 8  ? -8.800  0.974   -2.337  1.00 47.06 ? 8   DT  A "O5'" 1 
ATOM   147 C "C5'" . DT  A 1 8  ? -8.104  1.754   -3.293  1.00 43.79 ? 8   DT  A "C5'" 1 
ATOM   148 C "C4'" . DT  A 1 8  ? -7.462  0.849   -4.318  1.00 42.90 ? 8   DT  A "C4'" 1 
ATOM   149 O "O4'" . DT  A 1 8  ? -6.308  0.168   -3.752  1.00 41.57 ? 8   DT  A "O4'" 1 
ATOM   150 C "C3'" . DT  A 1 8  ? -8.365  -0.239  -4.927  1.00 42.30 ? 8   DT  A "C3'" 1 
ATOM   151 O "O3'" . DT  A 1 8  ? -8.184  -0.131  -6.333  1.00 43.86 ? 8   DT  A "O3'" 1 
ATOM   152 C "C2'" . DT  A 1 8  ? -7.811  -1.551  -4.352  1.00 39.63 ? 8   DT  A "C2'" 1 
ATOM   153 C "C1'" . DT  A 1 8  ? -6.349  -1.221  -4.022  1.00 35.42 ? 8   DT  A "C1'" 1 
ATOM   154 N N1    . DT  A 1 8  ? -5.834  -1.867  -2.819  1.00 31.36 ? 8   DT  A N1    1 
ATOM   155 C C2    . DT  A 1 8  ? -4.584  -2.513  -2.873  1.00 28.48 ? 8   DT  A C2    1 
ATOM   156 O O2    . DT  A 1 8  ? -3.947  -2.609  -3.871  1.00 28.45 ? 8   DT  A O2    1 
ATOM   157 N N3    . DT  A 1 8  ? -4.128  -3.052  -1.672  1.00 26.28 ? 8   DT  A N3    1 
ATOM   158 C C4    . DT  A 1 8  ? -4.786  -3.057  -0.487  1.00 26.09 ? 8   DT  A C4    1 
ATOM   159 O O4    . DT  A 1 8  ? -4.317  -3.620  0.516   1.00 26.62 ? 8   DT  A O4    1 
ATOM   160 C C5    . DT  A 1 8  ? -6.123  -2.366  -0.496  1.00 27.17 ? 8   DT  A C5    1 
ATOM   161 C C7    . DT  A 1 8  ? -6.860  -2.337  0.798   1.00 24.61 ? 8   DT  A C7    1 
ATOM   162 C C6    . DT  A 1 8  ? -6.563  -1.818  -1.642  1.00 27.73 ? 8   DT  A C6    1 
ATOM   163 P P     . DT  A 1 9  ? -8.599  -1.327  -7.319  1.00 46.31 ? 9   DT  A P     1 
ATOM   164 O OP1   . DT  A 1 9  ? -8.738  -0.610  -8.611  1.00 45.62 ? 9   DT  A OP1   1 
ATOM   165 O OP2   . DT  A 1 9  ? -9.703  -2.135  -6.750  1.00 45.64 ? 9   DT  A OP2   1 
ATOM   166 O "O5'" . DT  A 1 9  ? -7.332  -2.257  -7.436  1.00 45.71 ? 9   DT  A "O5'" 1 
ATOM   167 C "C5'" . DT  A 1 9  ? -6.119  -1.692  -7.820  1.00 44.02 ? 9   DT  A "C5'" 1 
ATOM   168 C "C4'" . DT  A 1 9  ? -5.105  -2.784  -7.983  1.00 42.82 ? 9   DT  A "C4'" 1 
ATOM   169 O "O4'" . DT  A 1 9  ? -4.834  -3.398  -6.708  1.00 39.42 ? 9   DT  A "O4'" 1 
ATOM   170 C "C3'" . DT  A 1 9  ? -5.612  -3.880  -8.904  1.00 43.48 ? 9   DT  A "C3'" 1 
ATOM   171 O "O3'" . DT  A 1 9  ? -4.576  -4.035  -9.873  1.00 47.12 ? 9   DT  A "O3'" 1 
ATOM   172 C "C2'" . DT  A 1 9  ? -5.862  -5.062  -7.970  1.00 40.38 ? 9   DT  A "C2'" 1 
ATOM   173 C "C1'" . DT  A 1 9  ? -4.909  -4.786  -6.814  1.00 35.72 ? 9   DT  A "C1'" 1 
ATOM   174 N N1    . DT  A 1 9  ? -5.283  -5.238  -5.498  1.00 31.30 ? 9   DT  A N1    1 
ATOM   175 C C2    . DT  A 1 9  ? -4.307  -5.935  -4.730  1.00 29.58 ? 9   DT  A C2    1 
ATOM   176 O O2    . DT  A 1 9  ? -3.231  -6.224  -5.138  1.00 26.68 ? 9   DT  A O2    1 
ATOM   177 N N3    . DT  A 1 9  ? -4.681  -6.233  -3.472  1.00 25.08 ? 9   DT  A N3    1 
ATOM   178 C C4    . DT  A 1 9  ? -5.857  -5.932  -2.894  1.00 25.74 ? 9   DT  A C4    1 
ATOM   179 O O4    . DT  A 1 9  ? -6.022  -6.156  -1.737  1.00 25.77 ? 9   DT  A O4    1 
ATOM   180 C C5    . DT  A 1 9  ? -6.867  -5.273  -3.760  1.00 28.50 ? 9   DT  A C5    1 
ATOM   181 C C7    . DT  A 1 9  ? -8.251  -5.037  -3.196  1.00 29.17 ? 9   DT  A C7    1 
ATOM   182 C C6    . DT  A 1 9  ? -6.510  -4.953  -4.988  1.00 26.95 ? 9   DT  A C6    1 
ATOM   183 P P     . DT  A 1 10 ? -4.721  -5.124  -11.028 1.00 51.03 ? 10  DT  A P     1 
ATOM   184 O OP1   . DT  A 1 10 ? -3.833  -4.700  -12.166 1.00 49.76 ? 10  DT  A OP1   1 
ATOM   185 O OP2   . DT  A 1 10 ? -6.168  -5.467  -11.256 1.00 49.55 ? 10  DT  A OP2   1 
ATOM   186 O "O5'" . DT  A 1 10 ? -3.980  -6.341  -10.325 1.00 48.92 ? 10  DT  A "O5'" 1 
ATOM   187 C "C5'" . DT  A 1 10 ? -2.660  -6.132  -9.870  1.00 48.77 ? 10  DT  A "C5'" 1 
ATOM   188 C "C4'" . DT  A 1 10 ? -2.077  -7.407  -9.304  1.00 46.18 ? 10  DT  A "C4'" 1 
ATOM   189 O "O4'" . DT  A 1 10 ? -2.638  -7.661  -8.003  1.00 44.41 ? 10  DT  A "O4'" 1 
ATOM   190 C "C3'" . DT  A 1 10 ? -2.343  -8.649  -10.155 1.00 45.95 ? 10  DT  A "C3'" 1 
ATOM   191 O "O3'" . DT  A 1 10 ? -1.117  -9.313  -10.443 1.00 46.43 ? 10  DT  A "O3'" 1 
ATOM   192 C "C2'" . DT  A 1 10 ? -3.327  -9.463  -9.333  1.00 44.47 ? 10  DT  A "C2'" 1 
ATOM   193 C "C1'" . DT  A 1 10 ? -3.017  -9.003  -7.918  1.00 42.26 ? 10  DT  A "C1'" 1 
ATOM   194 N N1    . DT  A 1 10 ? -4.084  -9.065  -6.930  1.00 39.61 ? 10  DT  A N1    1 
ATOM   195 C C2    . DT  A 1 10 ? -3.739  -9.657  -5.733  1.00 36.18 ? 10  DT  A C2    1 
ATOM   196 O O2    . DT  A 1 10 ? -2.635  -10.122 -5.551  1.00 39.11 ? 10  DT  A O2    1 
ATOM   197 N N3    . DT  A 1 10 ? -4.708  -9.676  -4.795  1.00 32.92 ? 10  DT  A N3    1 
ATOM   198 C C4    . DT  A 1 10 ? -5.966  -9.146  -4.933  1.00 35.12 ? 10  DT  A C4    1 
ATOM   199 O O4    . DT  A 1 10 ? -6.747  -9.157  -4.006  1.00 35.34 ? 10  DT  A O4    1 
ATOM   200 C C5    . DT  A 1 10 ? -6.274  -8.578  -6.216  1.00 36.35 ? 10  DT  A C5    1 
ATOM   201 C C7    . DT  A 1 10 ? -7.650  -8.046  -6.423  1.00 37.72 ? 10  DT  A C7    1 
ATOM   202 C C6    . DT  A 1 10 ? -5.334  -8.559  -7.151  1.00 36.95 ? 10  DT  A C6    1 
ATOM   203 P P     . DG  A 1 11 ? -1.093  -10.521 -11.530 1.00 47.92 ? 11  DG  A P     1 
ATOM   204 O OP1   . DG  A 1 11 ? 0.104   -10.293 -12.348 1.00 46.88 ? 11  DG  A OP1   1 
ATOM   205 O OP2   . DG  A 1 11 ? -2.371  -10.885 -12.149 1.00 45.48 ? 11  DG  A OP2   1 
ATOM   206 O "O5'" . DG  A 1 11 ? -0.850  -11.790 -10.607 1.00 44.99 ? 11  DG  A "O5'" 1 
ATOM   207 C "C5'" . DG  A 1 11 ? 0.307   -11.838 -9.804  1.00 40.70 ? 11  DG  A "C5'" 1 
ATOM   208 C "C4'" . DG  A 1 11 ? 0.278   -13.097 -8.986  1.00 38.09 ? 11  DG  A "C4'" 1 
ATOM   209 O "O4'" . DG  A 1 11 ? -0.724  -12.931 -7.960  1.00 36.64 ? 11  DG  A "O4'" 1 
ATOM   210 C "C3'" . DG  A 1 11 ? -0.077  -14.362 -9.778  1.00 35.88 ? 11  DG  A "C3'" 1 
ATOM   211 O "O3'" . DG  A 1 11 ? 0.860   -15.346 -9.373  1.00 38.40 ? 11  DG  A "O3'" 1 
ATOM   212 C "C2'" . DG  A 1 11 ? -1.494  -14.702 -9.338  1.00 35.20 ? 11  DG  A "C2'" 1 
ATOM   213 C "C1'" . DG  A 1 11 ? -1.622  -14.038 -7.965  1.00 37.24 ? 11  DG  A "C1'" 1 
ATOM   214 N N9    . DG  A 1 11 ? -2.962  -13.530 -7.684  1.00 36.50 ? 11  DG  A N9    1 
ATOM   215 C C8    . DG  A 1 11 ? -3.820  -12.948 -8.587  1.00 35.72 ? 11  DG  A C8    1 
ATOM   216 N N7    . DG  A 1 11 ? -4.949  -12.594 -8.052  1.00 37.03 ? 11  DG  A N7    1 
ATOM   217 C C5    . DG  A 1 11 ? -4.832  -12.950 -6.726  1.00 35.61 ? 11  DG  A C5    1 
ATOM   218 C C6    . DG  A 1 11 ? -5.706  -12.777 -5.701  1.00 34.33 ? 11  DG  A C6    1 
ATOM   219 O O6    . DG  A 1 11 ? -6.829  -12.272 -5.725  1.00 37.91 ? 11  DG  A O6    1 
ATOM   220 N N1    . DG  A 1 11 ? -5.190  -13.243 -4.514  1.00 36.74 ? 11  DG  A N1    1 
ATOM   221 C C2    . DG  A 1 11 ? -3.968  -13.803 -4.361  1.00 35.21 ? 11  DG  A C2    1 
ATOM   222 N N2    . DG  A 1 11 ? -3.633  -14.139 -3.128  1.00 36.64 ? 11  DG  A N2    1 
ATOM   223 N N3    . DG  A 1 11 ? -3.130  -13.998 -5.348  1.00 35.31 ? 11  DG  A N3    1 
ATOM   224 C C4    . DG  A 1 11 ? -3.614  -13.540 -6.487  1.00 35.24 ? 11  DG  A C4    1 
ATOM   225 P P     . DC  A 1 12 ? 0.793   -16.808 -9.945  1.00 36.78 ? 12  DC  A P     1 
ATOM   226 O OP1   . DC  A 1 12 ? 2.161   -17.284 -9.923  1.00 38.59 ? 12  DC  A OP1   1 
ATOM   227 O OP2   . DC  A 1 12 ? 0.035   -16.843 -11.176 1.00 39.94 ? 12  DC  A OP2   1 
ATOM   228 O "O5'" . DC  A 1 12 ? 0.011   -17.575 -8.818  1.00 38.27 ? 12  DC  A "O5'" 1 
ATOM   229 C "C5'" . DC  A 1 12 ? 0.607   -17.636 -7.532  1.00 38.76 ? 12  DC  A "C5'" 1 
ATOM   230 C "C4'" . DC  A 1 12 ? -0.316  -18.272 -6.533  1.00 37.27 ? 12  DC  A "C4'" 1 
ATOM   231 O "O4'" . DC  A 1 12 ? -1.370  -17.361 -6.176  1.00 35.93 ? 12  DC  A "O4'" 1 
ATOM   232 C "C3'" . DC  A 1 12 ? -1.001  -19.542 -7.006  1.00 37.77 ? 12  DC  A "C3'" 1 
ATOM   233 O "O3'" . DC  A 1 12 ? -0.360  -20.695 -6.538  1.00 39.61 ? 12  DC  A "O3'" 1 
ATOM   234 C "C2'" . DC  A 1 12 ? -2.405  -19.441 -6.460  1.00 36.60 ? 12  DC  A "C2'" 1 
ATOM   235 C "C1'" . DC  A 1 12 ? -2.449  -18.124 -5.688  1.00 35.34 ? 12  DC  A "C1'" 1 
ATOM   236 N N1    . DC  A 1 12 ? -3.636  -17.439 -6.111  1.00 33.02 ? 12  DC  A N1    1 
ATOM   237 C C2    . DC  A 1 12 ? -4.601  -17.097 -5.192  1.00 33.13 ? 12  DC  A C2    1 
ATOM   238 O O2    . DC  A 1 12 ? -4.437  -17.409 -3.990  1.00 33.70 ? 12  DC  A O2    1 
ATOM   239 N N3    . DC  A 1 12 ? -5.709  -16.455 -5.611  1.00 31.11 ? 12  DC  A N3    1 
ATOM   240 C C4    . DC  A 1 12 ? -5.863  -16.159 -6.895  1.00 31.48 ? 12  DC  A C4    1 
ATOM   241 N N4    . DC  A 1 12 ? -6.972  -15.505 -7.262  1.00 33.13 ? 12  DC  A N4    1 
ATOM   242 C C5    . DC  A 1 12 ? -4.889  -16.510 -7.873  1.00 33.22 ? 12  DC  A C5    1 
ATOM   243 C C6    . DC  A 1 12 ? -3.793  -17.151 -7.436  1.00 33.72 ? 12  DC  A C6    1 
ATOM   244 O "O5'" . DG  B 1 1  ? -14.401 -16.597 -0.481  1.00 48.24 ? 13  DG  B "O5'" 1 
ATOM   245 C "C5'" . DG  B 1 1  ? -14.187 -15.800 0.677   1.00 45.48 ? 13  DG  B "C5'" 1 
ATOM   246 C "C4'" . DG  B 1 1  ? -12.870 -16.093 1.349   1.00 46.19 ? 13  DG  B "C4'" 1 
ATOM   247 O "O4'" . DG  B 1 1  ? -11.840 -16.411 0.389   1.00 43.35 ? 13  DG  B "O4'" 1 
ATOM   248 C "C3'" . DG  B 1 1  ? -12.332 -14.924 2.160   1.00 45.60 ? 13  DG  B "C3'" 1 
ATOM   249 O "O3'" . DG  B 1 1  ? -11.578 -15.509 3.203   1.00 49.83 ? 13  DG  B "O3'" 1 
ATOM   250 C "C2'" . DG  B 1 1  ? -11.456 -14.181 1.180   1.00 44.57 ? 13  DG  B "C2'" 1 
ATOM   251 C "C1'" . DG  B 1 1  ? -10.923 -15.304 0.290   1.00 43.14 ? 13  DG  B "C1'" 1 
ATOM   252 N N9    . DG  B 1 1  ? -10.737 -14.997 -1.135  1.00 38.70 ? 13  DG  B N9    1 
ATOM   253 C C8    . DG  B 1 1  ? -11.609 -14.389 -1.990  1.00 40.15 ? 13  DG  B C8    1 
ATOM   254 N N7    . DG  B 1 1  ? -11.170 -14.317 -3.224  1.00 38.94 ? 13  DG  B N7    1 
ATOM   255 C C5    . DG  B 1 1  ? -9.917  -14.911 -3.168  1.00 38.22 ? 13  DG  B C5    1 
ATOM   256 C C6    . DG  B 1 1  ? -8.987  -15.179 -4.171  1.00 35.97 ? 13  DG  B C6    1 
ATOM   257 O O6    . DG  B 1 1  ? -9.063  -14.964 -5.363  1.00 32.71 ? 13  DG  B O6    1 
ATOM   258 N N1    . DG  B 1 1  ? -7.867  -15.799 -3.667  1.00 34.42 ? 13  DG  B N1    1 
ATOM   259 C C2    . DG  B 1 1  ? -7.689  -16.166 -2.383  1.00 36.85 ? 13  DG  B C2    1 
ATOM   260 N N2    . DG  B 1 1  ? -6.527  -16.802 -2.081  1.00 35.75 ? 13  DG  B N2    1 
ATOM   261 N N3    . DG  B 1 1  ? -8.554  -15.957 -1.442  1.00 36.19 ? 13  DG  B N3    1 
ATOM   262 C C4    . DG  B 1 1  ? -9.632  -15.322 -1.887  1.00 38.48 ? 13  DG  B C4    1 
ATOM   263 P P     . DC  B 1 2  ? -10.854 -14.577 4.272   1.00 52.79 ? 14  DC  B P     1 
ATOM   264 O OP1   . DC  B 1 2  ? -10.817 -15.313 5.573   1.00 52.45 ? 14  DC  B OP1   1 
ATOM   265 O OP2   . DC  B 1 2  ? -11.398 -13.201 4.199   1.00 51.91 ? 14  DC  B OP2   1 
ATOM   266 O "O5'" . DC  B 1 2  ? -9.387  -14.471 3.667   1.00 51.20 ? 14  DC  B "O5'" 1 
ATOM   267 C "C5'" . DC  B 1 2  ? -8.513  -15.589 3.648   1.00 50.51 ? 14  DC  B "C5'" 1 
ATOM   268 C "C4'" . DC  B 1 2  ? -7.160  -15.149 3.143   1.00 48.78 ? 14  DC  B "C4'" 1 
ATOM   269 O "O4'" . DC  B 1 2  ? -7.177  -14.863 1.718   1.00 47.94 ? 14  DC  B "O4'" 1 
ATOM   270 C "C3'" . DC  B 1 2  ? -6.719  -13.846 3.788   1.00 49.00 ? 14  DC  B "C3'" 1 
ATOM   271 O "O3'" . DC  B 1 2  ? -5.296  -13.848 3.814   1.00 49.33 ? 14  DC  B "O3'" 1 
ATOM   272 C "C2'" . DC  B 1 2  ? -7.178  -12.805 2.784   1.00 46.57 ? 14  DC  B "C2'" 1 
ATOM   273 C "C1'" . DC  B 1 2  ? -6.770  -13.531 1.533   1.00 45.62 ? 14  DC  B "C1'" 1 
ATOM   274 N N1    . DC  B 1 2  ? -7.319  -13.052 0.287   1.00 43.14 ? 14  DC  B N1    1 
ATOM   275 C C2    . DC  B 1 2  ? -6.585  -13.274 -0.881  1.00 41.95 ? 14  DC  B C2    1 
ATOM   276 O O2    . DC  B 1 2  ? -5.477  -13.865 -0.794  1.00 40.84 ? 14  DC  B O2    1 
ATOM   277 N N3    . DC  B 1 2  ? -7.093  -12.835 -2.070  1.00 40.12 ? 14  DC  B N3    1 
ATOM   278 C C4    . DC  B 1 2  ? -8.247  -12.185 -2.099  1.00 39.02 ? 14  DC  B C4    1 
ATOM   279 N N4    . DC  B 1 2  ? -8.688  -11.731 -3.273  1.00 40.64 ? 14  DC  B N4    1 
ATOM   280 C C5    . DC  B 1 2  ? -9.006  -11.950 -0.921  1.00 41.85 ? 14  DC  B C5    1 
ATOM   281 C C6    . DC  B 1 2  ? -8.513  -12.399 0.242   1.00 43.04 ? 14  DC  B C6    1 
ATOM   282 P P     . DA  B 1 3  ? -4.539  -13.281 5.096   1.00 49.37 ? 15  DA  B P     1 
ATOM   283 O OP1   . DA  B 1 3  ? -4.766  -14.322 6.171   1.00 49.67 ? 15  DA  B OP1   1 
ATOM   284 O OP2   . DA  B 1 3  ? -4.897  -11.856 5.343   1.00 48.73 ? 15  DA  B OP2   1 
ATOM   285 O "O5'" . DA  B 1 3  ? -3.016  -13.424 4.674   1.00 47.59 ? 15  DA  B "O5'" 1 
ATOM   286 C "C5'" . DA  B 1 3  ? -2.536  -14.675 4.199   1.00 42.77 ? 15  DA  B "C5'" 1 
ATOM   287 C "C4'" . DA  B 1 3  ? -1.422  -14.425 3.225   1.00 41.24 ? 15  DA  B "C4'" 1 
ATOM   288 O "O4'" . DA  B 1 3  ? -1.953  -13.862 2.018   1.00 39.79 ? 15  DA  B "O4'" 1 
ATOM   289 C "C3'" . DA  B 1 3  ? -0.399  -13.421 3.739   1.00 40.23 ? 15  DA  B "C3'" 1 
ATOM   290 O "O3'" . DA  B 1 3  ? 0.872   -13.851 3.272   1.00 40.26 ? 15  DA  B "O3'" 1 
ATOM   291 C "C2'" . DA  B 1 3  ? -0.826  -12.110 3.107   1.00 39.23 ? 15  DA  B "C2'" 1 
ATOM   292 C "C1'" . DA  B 1 3  ? -1.458  -12.563 1.805   1.00 39.02 ? 15  DA  B "C1'" 1 
ATOM   293 N N9    . DA  B 1 3  ? -2.603  -11.775 1.386   1.00 38.08 ? 15  DA  B N9    1 
ATOM   294 C C8    . DA  B 1 3  ? -3.625  -11.277 2.160   1.00 38.51 ? 15  DA  B C8    1 
ATOM   295 N N7    . DA  B 1 3  ? -4.564  -10.672 1.472   1.00 36.21 ? 15  DA  B N7    1 
ATOM   296 C C5    . DA  B 1 3  ? -4.118  -10.762 0.165   1.00 35.85 ? 15  DA  B C5    1 
ATOM   297 C C6    . DA  B 1 3  ? -4.693  -10.372 -1.024  1.00 34.07 ? 15  DA  B C6    1 
ATOM   298 N N6    . DA  B 1 3  ? -5.888  -9.816  -1.075  1.00 32.02 ? 15  DA  B N6    1 
ATOM   299 N N1    . DA  B 1 3  ? -4.029  -10.608 -2.168  1.00 34.56 ? 15  DA  B N1    1 
ATOM   300 C C2    . DA  B 1 3  ? -2.866  -11.263 -2.099  1.00 36.51 ? 15  DA  B C2    1 
ATOM   301 N N3    . DA  B 1 3  ? -2.210  -11.719 -1.006  1.00 38.21 ? 15  DA  B N3    1 
ATOM   302 C C4    . DA  B 1 3  ? -2.906  -11.427 0.100   1.00 37.35 ? 15  DA  B C4    1 
ATOM   303 P P     . DA  B 1 4  ? 2.205   -13.100 3.756   1.00 41.27 ? 16  DA  B P     1 
ATOM   304 O OP1   . DA  B 1 4  ? 3.317   -14.066 3.621   1.00 41.33 ? 16  DA  B OP1   1 
ATOM   305 O OP2   . DA  B 1 4  ? 1.988   -12.349 5.030   1.00 41.65 ? 16  DA  B OP2   1 
ATOM   306 O "O5'" . DA  B 1 4  ? 2.483   -12.100 2.575   1.00 38.50 ? 16  DA  B "O5'" 1 
ATOM   307 C "C5'" . DA  B 1 4  ? 2.541   -12.592 1.267   1.00 35.16 ? 16  DA  B "C5'" 1 
ATOM   308 C "C4'" . DA  B 1 4  ? 2.591   -11.444 0.301   1.00 32.47 ? 16  DA  B "C4'" 1 
ATOM   309 O "O4'" . DA  B 1 4  ? 1.237   -10.910 0.097   1.00 30.34 ? 16  DA  B "O4'" 1 
ATOM   310 C "C3'" . DA  B 1 4  ? 3.484   -10.279 0.727   1.00 28.80 ? 16  DA  B "C3'" 1 
ATOM   311 O "O3'" . DA  B 1 4  ? 4.238   -10.048 -0.423  1.00 28.81 ? 16  DA  B "O3'" 1 
ATOM   312 C "C2'" . DA  B 1 4  ? 2.482   -9.143  0.963   1.00 30.94 ? 16  DA  B "C2'" 1 
ATOM   313 C "C1'" . DA  B 1 4  ? 1.337   -9.513  -0.010  1.00 29.74 ? 16  DA  B "C1'" 1 
ATOM   314 N N9    . DA  B 1 4  ? 0.028   -8.961  0.346   1.00 29.36 ? 16  DA  B N9    1 
ATOM   315 C C8    . DA  B 1 4  ? -0.490  -8.712  1.567   1.00 28.98 ? 16  DA  B C8    1 
ATOM   316 N N7    . DA  B 1 4  ? -1.670  -8.105  1.539   1.00 28.96 ? 16  DA  B N7    1 
ATOM   317 C C5    . DA  B 1 4  ? -1.949  -7.996  0.187   1.00 29.12 ? 16  DA  B C5    1 
ATOM   318 C C6    . DA  B 1 4  ? -3.028  -7.456  -0.509  1.00 27.53 ? 16  DA  B C6    1 
ATOM   319 N N6    . DA  B 1 4  ? -4.058  -6.921  0.075   1.00 24.80 ? 16  DA  B N6    1 
ATOM   320 N N1    . DA  B 1 4  ? -2.999  -7.490  -1.828  1.00 29.17 ? 16  DA  B N1    1 
ATOM   321 C C2    . DA  B 1 4  ? -1.983  -8.016  -2.413  1.00 30.99 ? 16  DA  B C2    1 
ATOM   322 N N3    . DA  B 1 4  ? -0.878  -8.571  -1.876  1.00 31.98 ? 16  DA  B N3    1 
ATOM   323 C C4    . DA  B 1 4  ? -0.933  -8.533  -0.557  1.00 29.22 ? 16  DA  B C4    1 
ATOM   324 P P     . DA  B 1 5  ? 5.504   -9.044  -0.450  1.00 29.68 ? 17  DA  B P     1 
ATOM   325 O OP1   . DA  B 1 5  ? 6.703   -9.926  -0.733  1.00 32.68 ? 17  DA  B OP1   1 
ATOM   326 O OP2   . DA  B 1 5  ? 5.480   -8.172  0.713   1.00 30.68 ? 17  DA  B OP2   1 
ATOM   327 O "O5'" . DA  B 1 5  ? 5.258   -8.278  -1.841  1.00 28.48 ? 17  DA  B "O5'" 1 
ATOM   328 C "C5'" . DA  B 1 5  ? 4.924   -9.021  -2.999  1.00 29.05 ? 17  DA  B "C5'" 1 
ATOM   329 C "C4'" . DA  B 1 5  ? 4.191   -8.135  -3.980  1.00 31.42 ? 17  DA  B "C4'" 1 
ATOM   330 O "O4'" . DA  B 1 5  ? 2.864   -7.782  -3.474  1.00 29.60 ? 17  DA  B "O4'" 1 
ATOM   331 C "C3'" . DA  B 1 5  ? 4.929   -6.818  -4.247  1.00 31.69 ? 17  DA  B "C3'" 1 
ATOM   332 O "O3'" . DA  B 1 5  ? 4.759   -6.595  -5.625  1.00 37.49 ? 17  DA  B "O3'" 1 
ATOM   333 C "C2'" . DA  B 1 5  ? 4.155   -5.811  -3.444  1.00 31.63 ? 17  DA  B "C2'" 1 
ATOM   334 C "C1'" . DA  B 1 5  ? 2.744   -6.373  -3.506  1.00 27.87 ? 17  DA  B "C1'" 1 
ATOM   335 N N9    . DA  B 1 5  ? 1.975   -5.973  -2.342  1.00 28.78 ? 17  DA  B N9    1 
ATOM   336 C C8    . DA  B 1 5  ? 2.332   -6.088  -1.013  1.00 29.52 ? 17  DA  B C8    1 
ATOM   337 N N7    . DA  B 1 5  ? 1.418   -5.667  -0.175  1.00 29.16 ? 17  DA  B N7    1 
ATOM   338 C C5    . DA  B 1 5  ? 0.382   -5.254  -1.009  1.00 28.55 ? 17  DA  B C5    1 
ATOM   339 C C6    . DA  B 1 5  ? -0.888  -4.729  -0.749  1.00 27.24 ? 17  DA  B C6    1 
ATOM   340 N N6    . DA  B 1 5  ? -1.400  -4.573  0.465   1.00 27.48 ? 17  DA  B N6    1 
ATOM   341 N N1    . DA  B 1 5  ? -1.657  -4.395  -1.814  1.00 27.03 ? 17  DA  B N1    1 
ATOM   342 C C2    . DA  B 1 5  ? -1.181  -4.601  -3.043  1.00 27.50 ? 17  DA  B C2    1 
ATOM   343 N N3    . DA  B 1 5  ? -0.019  -5.109  -3.423  1.00 29.84 ? 17  DA  B N3    1 
ATOM   344 C C4    . DA  B 1 5  ? 0.729   -5.416  -2.344  1.00 28.76 ? 17  DA  B C4    1 
ATOM   345 P P     . DC  B 1 6  ? 5.553   -5.461  -6.376  1.00 39.52 ? 18  DC  B P     1 
ATOM   346 O OP1   . DC  B 1 6  ? 5.349   -6.004  -7.695  1.00 39.25 ? 18  DC  B OP1   1 
ATOM   347 O OP2   . DC  B 1 6  ? 6.899   -5.053  -5.866  1.00 38.11 ? 18  DC  B OP2   1 
ATOM   348 O "O5'" . DC  B 1 6  ? 4.599   -4.182  -6.231  1.00 40.96 ? 18  DC  B "O5'" 1 
ATOM   349 C "C5'" . DC  B 1 6  ? 3.276   -4.210  -6.759  1.00 38.66 ? 18  DC  B "C5'" 1 
ATOM   350 C "C4'" . DC  B 1 6  ? 2.605   -2.906  -6.437  1.00 37.37 ? 18  DC  B "C4'" 1 
ATOM   351 O "O4'" . DC  B 1 6  ? 1.986   -2.942  -5.132  1.00 35.03 ? 18  DC  B "O4'" 1 
ATOM   352 C "C3'" . DC  B 1 6  ? 3.553   -1.708  -6.446  1.00 37.27 ? 18  DC  B "C3'" 1 
ATOM   353 O "O3'" . DC  B 1 6  ? 2.826   -0.625  -7.032  1.00 40.61 ? 18  DC  B "O3'" 1 
ATOM   354 C "C2'" . DC  B 1 6  ? 3.775   -1.435  -4.966  1.00 34.61 ? 18  DC  B "C2'" 1 
ATOM   355 C "C1'" . DC  B 1 6  ? 2.383   -1.783  -4.455  1.00 33.09 ? 18  DC  B "C1'" 1 
ATOM   356 N N1    . DC  B 1 6  ? 2.164   -2.006  -3.040  1.00 32.37 ? 18  DC  B N1    1 
ATOM   357 C C2    . DC  B 1 6  ? 0.881   -1.738  -2.555  1.00 31.65 ? 18  DC  B C2    1 
ATOM   358 O O2    . DC  B 1 6  ? 0.051   -1.432  -3.378  1.00 30.03 ? 18  DC  B O2    1 
ATOM   359 N N3    . DC  B 1 6  ? 0.623   -1.842  -1.222  1.00 29.61 ? 18  DC  B N3    1 
ATOM   360 C C4    . DC  B 1 6  ? 1.623   -2.211  -0.386  1.00 28.88 ? 18  DC  B C4    1 
ATOM   361 N N4    . DC  B 1 6  ? 1.405   -2.241  0.960   1.00 26.80 ? 18  DC  B N4    1 
ATOM   362 C C5    . DC  B 1 6  ? 2.928   -2.551  -0.881  1.00 28.78 ? 18  DC  B C5    1 
ATOM   363 C C6    . DC  B 1 6  ? 3.151   -2.431  -2.199  1.00 29.42 ? 18  DC  B C6    1 
ATOM   364 P P     . DG  B 1 7  ? 3.526   0.341   -8.101  1.00 42.92 ? 19  DG  B P     1 
ATOM   365 O OP1   . DG  B 1 7  ? 3.579   -0.403  -9.381  1.00 43.20 ? 19  DG  B OP1   1 
ATOM   366 O OP2   . DG  B 1 7  ? 4.726   0.896   -7.513  1.00 43.14 ? 19  DG  B OP2   1 
ATOM   367 O "O5'" . DG  B 1 7  ? 2.465   1.529   -8.203  1.00 42.44 ? 19  DG  B "O5'" 1 
ATOM   368 C "C5'" . DG  B 1 7  ? 1.116   1.253   -8.503  1.00 39.29 ? 19  DG  B "C5'" 1 
ATOM   369 C "C4'" . DG  B 1 7  ? 0.218   2.252   -7.823  1.00 40.52 ? 19  DG  B "C4'" 1 
ATOM   370 O "O4'" . DG  B 1 7  ? 0.059   1.880   -6.455  1.00 39.71 ? 19  DG  B "O4'" 1 
ATOM   371 C "C3'" . DG  B 1 7  ? 0.600   3.743   -7.808  1.00 42.06 ? 19  DG  B "C3'" 1 
ATOM   372 O "O3'" . DG  B 1 7  ? -0.557  4.545   -8.048  1.00 43.78 ? 19  DG  B "O3'" 1 
ATOM   373 C "C2'" . DG  B 1 7  ? 1.061   3.983   -6.382  1.00 39.75 ? 19  DG  B "C2'" 1 
ATOM   374 C "C1'" . DG  B 1 7  ? 0.212   3.001   -5.610  1.00 38.87 ? 19  DG  B "C1'" 1 
ATOM   375 N N9    . DG  B 1 7  ? 0.877   2.495   -4.425  1.00 37.07 ? 19  DG  B N9    1 
ATOM   376 C C8    . DG  B 1 7  ? 2.124   1.885   -4.360  1.00 34.77 ? 19  DG  B C8    1 
ATOM   377 N N7    . DG  B 1 7  ? 2.426   1.497   -3.163  1.00 33.13 ? 19  DG  B N7    1 
ATOM   378 C C5    . DG  B 1 7  ? 1.330   1.873   -2.385  1.00 32.92 ? 19  DG  B C5    1 
ATOM   379 C C6    . DG  B 1 7  ? 1.090   1.756   -0.994  1.00 33.33 ? 19  DG  B C6    1 
ATOM   380 O O6    . DG  B 1 7  ? 1.826   1.262   -0.112  1.00 34.18 ? 19  DG  B O6    1 
ATOM   381 N N1    . DG  B 1 7  ? -0.171  2.304   -0.633  1.00 33.15 ? 19  DG  B N1    1 
ATOM   382 C C2    . DG  B 1 7  ? -1.063  2.911   -1.527  1.00 32.19 ? 19  DG  B C2    1 
ATOM   383 N N2    . DG  B 1 7  ? -2.216  3.428   -1.010  1.00 31.38 ? 19  DG  B N2    1 
ATOM   384 N N3    . DG  B 1 7  ? -0.839  3.016   -2.800  1.00 32.23 ? 19  DG  B N3    1 
ATOM   385 C C4    . DG  B 1 7  ? 0.365   2.491   -3.166  1.00 35.31 ? 19  DG  B C4    1 
ATOM   386 P P     . DT  B 1 8  ? -0.474  6.150   -7.955  1.00 45.10 ? 20  DT  B P     1 
ATOM   387 O OP1   . DT  B 1 8  ? -1.529  6.562   -8.964  1.00 47.07 ? 20  DT  B OP1   1 
ATOM   388 O OP2   . DT  B 1 8  ? 0.913   6.634   -8.095  1.00 45.06 ? 20  DT  B OP2   1 
ATOM   389 O "O5'" . DT  B 1 8  ? -1.049  6.449   -6.534  1.00 43.72 ? 20  DT  B "O5'" 1 
ATOM   390 C "C5'" . DT  B 1 8  ? -2.271  5.904   -6.230  1.00 42.05 ? 20  DT  B "C5'" 1 
ATOM   391 C "C4'" . DT  B 1 8  ? -2.796  6.539   -4.984  1.00 42.86 ? 20  DT  B "C4'" 1 
ATOM   392 O "O4'" . DT  B 1 8  ? -2.078  5.984   -3.871  1.00 43.40 ? 20  DT  B "O4'" 1 
ATOM   393 C "C3'" . DT  B 1 8  ? -2.635  8.051   -4.893  1.00 43.25 ? 20  DT  B "C3'" 1 
ATOM   394 O "O3'" . DT  B 1 8  ? -3.845  8.540   -4.299  1.00 42.49 ? 20  DT  B "O3'" 1 
ATOM   395 C "C2'" . DT  B 1 8  ? -1.429  8.223   -3.964  1.00 42.35 ? 20  DT  B "C2'" 1 
ATOM   396 C "C1'" . DT  B 1 8  ? -1.552  7.022   -3.041  1.00 41.53 ? 20  DT  B "C1'" 1 
ATOM   397 N N1    . DT  B 1 8  ? -0.289  6.473   -2.491  1.00 37.90 ? 20  DT  B N1    1 
ATOM   398 C C2    . DT  B 1 8  ? -0.207  6.219   -1.169  1.00 36.81 ? 20  DT  B C2    1 
ATOM   399 O O2    . DT  B 1 8  ? -1.074  6.538   -0.403  1.00 34.30 ? 20  DT  B O2    1 
ATOM   400 N N3    . DT  B 1 8  ? 0.953   5.582   -0.761  1.00 36.10 ? 20  DT  B N3    1 
ATOM   401 C C4    . DT  B 1 8  ? 2.025   5.260   -1.547  1.00 36.32 ? 20  DT  B C4    1 
ATOM   402 O O4    . DT  B 1 8  ? 3.041   4.770   -1.040  1.00 35.57 ? 20  DT  B O4    1 
ATOM   403 C C5    . DT  B 1 8  ? 1.873   5.578   -2.943  1.00 37.39 ? 20  DT  B C5    1 
ATOM   404 C C7    . DT  B 1 8  ? 2.987   5.250   -3.877  1.00 34.59 ? 20  DT  B C7    1 
ATOM   405 C C6    . DT  B 1 8  ? 0.744   6.166   -3.345  1.00 37.17 ? 20  DT  B C6    1 
ATOM   406 P P     . DT  B 1 9  ? -3.951  10.073  -3.813  1.00 41.97 ? 21  DT  B P     1 
ATOM   407 O OP1   . DT  B 1 9  ? -5.378  10.439  -3.757  1.00 41.59 ? 21  DT  B OP1   1 
ATOM   408 O OP2   . DT  B 1 9  ? -2.983  10.885  -4.547  1.00 41.05 ? 21  DT  B OP2   1 
ATOM   409 O "O5'" . DT  B 1 9  ? -3.621  9.969   -2.299  1.00 41.62 ? 21  DT  B "O5'" 1 
ATOM   410 C "C5'" . DT  B 1 9  ? -4.528  9.290   -1.519  1.00 40.85 ? 21  DT  B "C5'" 1 
ATOM   411 C "C4'" . DT  B 1 9  ? -4.116  9.420   -0.086  1.00 41.62 ? 21  DT  B "C4'" 1 
ATOM   412 O "O4'" . DT  B 1 9  ? -2.764  8.907   -0.005  1.00 39.17 ? 21  DT  B "O4'" 1 
ATOM   413 C "C3'" . DT  B 1 9  ? -4.041  10.877  0.388   1.00 41.17 ? 21  DT  B "C3'" 1 
ATOM   414 O "O3'" . DT  B 1 9  ? -4.657  10.892  1.666   1.00 43.35 ? 21  DT  B "O3'" 1 
ATOM   415 C "C2'" . DT  B 1 9  ? -2.544  11.141  0.530   1.00 40.29 ? 21  DT  B "C2'" 1 
ATOM   416 C "C1'" . DT  B 1 9  ? -2.048  9.731   0.875   1.00 35.88 ? 21  DT  B "C1'" 1 
ATOM   417 N N1    . DT  B 1 9  ? -0.694  9.482   0.566   1.00 34.10 ? 21  DT  B N1    1 
ATOM   418 C C2    . DT  B 1 9  ? 0.156   8.940   1.525   1.00 32.72 ? 21  DT  B C2    1 
ATOM   419 O O2    . DT  B 1 9  ? -0.135  8.811   2.690   1.00 30.44 ? 21  DT  B O2    1 
ATOM   420 N N3    . DT  B 1 9  ? 1.390   8.579   1.038   1.00 31.59 ? 21  DT  B N3    1 
ATOM   421 C C4    . DT  B 1 9  ? 1.842   8.747   -0.207  1.00 29.33 ? 21  DT  B C4    1 
ATOM   422 O O4    . DT  B 1 9  ? 2.922   8.359   -0.496  1.00 31.19 ? 21  DT  B O4    1 
ATOM   423 C C5    . DT  B 1 9  ? 0.929   9.416   -1.140  1.00 31.69 ? 21  DT  B C5    1 
ATOM   424 C C7    . DT  B 1 9  ? 1.411   9.714   -2.513  1.00 28.39 ? 21  DT  B C7    1 
ATOM   425 C C6    . DT  B 1 9  ? -0.279  9.731   -0.712  1.00 31.55 ? 21  DT  B C6    1 
ATOM   426 P P     . DT  B 1 10 ? -5.052  12.283  2.337   1.00 44.74 ? 22  DT  B P     1 
ATOM   427 O OP1   . DT  B 1 10 ? -6.436  12.111  2.868   1.00 44.74 ? 22  DT  B OP1   1 
ATOM   428 O OP2   . DT  B 1 10 ? -4.733  13.310  1.307   1.00 43.86 ? 22  DT  B OP2   1 
ATOM   429 O "O5'" . DT  B 1 10 ? -4.065  12.247  3.591   1.00 45.66 ? 22  DT  B "O5'" 1 
ATOM   430 C "C5'" . DT  B 1 10 ? -4.073  11.064  4.361   1.00 45.38 ? 22  DT  B "C5'" 1 
ATOM   431 C "C4'" . DT  B 1 10 ? -2.891  11.005  5.290   1.00 44.72 ? 22  DT  B "C4'" 1 
ATOM   432 O "O4'" . DT  B 1 10 ? -1.677  10.761  4.562   1.00 43.15 ? 22  DT  B "O4'" 1 
ATOM   433 C "C3'" . DT  B 1 10 ? -2.692  12.287  6.064   1.00 45.30 ? 22  DT  B "C3'" 1 
ATOM   434 O "O3'" . DT  B 1 10 ? -2.597  11.919  7.407   1.00 48.28 ? 22  DT  B "O3'" 1 
ATOM   435 C "C2'" . DT  B 1 10 ? -1.362  12.836  5.555   1.00 44.29 ? 22  DT  B "C2'" 1 
ATOM   436 C "C1'" . DT  B 1 10 ? -0.644  11.568  5.091   1.00 40.92 ? 22  DT  B "C1'" 1 
ATOM   437 N N1    . DT  B 1 10 ? 0.328   11.744  3.992   1.00 38.05 ? 22  DT  B N1    1 
ATOM   438 C C2    . DT  B 1 10 ? 1.628   11.172  4.112   1.00 33.95 ? 22  DT  B C2    1 
ATOM   439 O O2    . DT  B 1 10 ? 2.052   10.642  5.100   1.00 35.49 ? 22  DT  B O2    1 
ATOM   440 N N3    . DT  B 1 10 ? 2.401   11.275  3.020   1.00 32.61 ? 22  DT  B N3    1 
ATOM   441 C C4    . DT  B 1 10 ? 2.104   11.915  1.865   1.00 33.01 ? 22  DT  B C4    1 
ATOM   442 O O4    . DT  B 1 10 ? 2.910   11.917  0.959   1.00 32.16 ? 22  DT  B O4    1 
ATOM   443 C C5    . DT  B 1 10 ? 0.770   12.569  1.809   1.00 34.76 ? 22  DT  B C5    1 
ATOM   444 C C7    . DT  B 1 10 ? 0.426   13.364  0.574   1.00 34.85 ? 22  DT  B C7    1 
ATOM   445 C C6    . DT  B 1 10 ? -0.051  12.420  2.858   1.00 31.97 ? 22  DT  B C6    1 
ATOM   446 P P     . DG  B 1 11 ? -2.544  13.058  8.488   1.00 51.78 ? 23  DG  B P     1 
ATOM   447 O OP1   . DG  B 1 11 ? -3.177  12.669  9.762   1.00 51.45 ? 23  DG  B OP1   1 
ATOM   448 O OP2   . DG  B 1 11 ? -2.947  14.301  7.788   1.00 52.44 ? 23  DG  B OP2   1 
ATOM   449 O "O5'" . DG  B 1 11 ? -1.003  13.152  8.795   1.00 50.53 ? 23  DG  B "O5'" 1 
ATOM   450 C "C5'" . DG  B 1 11 ? -0.404  12.058  9.417   1.00 49.55 ? 23  DG  B "C5'" 1 
ATOM   451 C "C4'" . DG  B 1 11 ? 1.052   12.339  9.617   1.00 48.12 ? 23  DG  B "C4'" 1 
ATOM   452 O "O4'" . DG  B 1 11 ? 1.712   12.346  8.338   1.00 46.59 ? 23  DG  B "O4'" 1 
ATOM   453 C "C3'" . DG  B 1 11 ? 1.319   13.702  10.246  1.00 49.17 ? 23  DG  B "C3'" 1 
ATOM   454 O "O3'" . DG  B 1 11 ? 2.202   13.526  11.334  1.00 50.49 ? 23  DG  B "O3'" 1 
ATOM   455 C "C2'" . DG  B 1 11 ? 1.965   14.503  9.134   1.00 46.97 ? 23  DG  B "C2'" 1 
ATOM   456 C "C1'" . DG  B 1 11 ? 2.622   13.418  8.321   1.00 45.53 ? 23  DG  B "C1'" 1 
ATOM   457 N N9    . DG  B 1 11 ? 2.887   13.739  6.926   1.00 41.72 ? 23  DG  B N9    1 
ATOM   458 C C8    . DG  B 1 11 ? 2.092   14.453  6.068   1.00 41.84 ? 23  DG  B C8    1 
ATOM   459 N N7    . DG  B 1 11 ? 2.596   14.545  4.871   1.00 40.50 ? 23  DG  B N7    1 
ATOM   460 C C5    . DG  B 1 11 ? 3.788   13.862  4.957   1.00 39.29 ? 23  DG  B C5    1 
ATOM   461 C C6    . DG  B 1 11 ? 4.759   13.602  3.971   1.00 38.81 ? 23  DG  B C6    1 
ATOM   462 O O6    . DG  B 1 11 ? 4.736   13.892  2.752   1.00 39.21 ? 23  DG  B O6    1 
ATOM   463 N N1    . DG  B 1 11 ? 5.835   12.908  4.498   1.00 38.65 ? 23  DG  B N1    1 
ATOM   464 C C2    . DG  B 1 11 ? 5.943   12.477  5.802   1.00 38.82 ? 23  DG  B C2    1 
ATOM   465 N N2    . DG  B 1 11 ? 7.098   11.857  6.146   1.00 39.79 ? 23  DG  B N2    1 
ATOM   466 N N3    . DG  B 1 11 ? 5.011   12.650  6.703   1.00 38.88 ? 23  DG  B N3    1 
ATOM   467 C C4    . DG  B 1 11 ? 3.977   13.364  6.222   1.00 39.17 ? 23  DG  B C4    1 
ATOM   468 P P     . DC  B 1 12 ? 2.509   14.739  12.286  1.00 52.68 ? 24  DC  B P     1 
ATOM   469 O OP1   . DC  B 1 12 ? 2.526   14.245  13.697  1.00 52.33 ? 24  DC  B OP1   1 
ATOM   470 O OP2   . DC  B 1 12 ? 1.589   15.831  11.863  1.00 50.40 ? 24  DC  B OP2   1 
ATOM   471 O "O5'" . DC  B 1 12 ? 4.015   15.069  11.923  1.00 51.20 ? 24  DC  B "O5'" 1 
ATOM   472 C "C5'" . DC  B 1 12 ? 4.942   14.040  12.076  1.00 50.91 ? 24  DC  B "C5'" 1 
ATOM   473 C "C4'" . DC  B 1 12 ? 6.212   14.345  11.340  1.00 50.31 ? 24  DC  B "C4'" 1 
ATOM   474 O "O4'" . DC  B 1 12 ? 6.018   14.367  9.908   1.00 51.30 ? 24  DC  B "O4'" 1 
ATOM   475 C "C3'" . DC  B 1 12 ? 6.913   15.644  11.717  1.00 51.07 ? 24  DC  B "C3'" 1 
ATOM   476 O "O3'" . DC  B 1 12 ? 8.235   15.142  11.753  1.00 52.99 ? 24  DC  B "O3'" 1 
ATOM   477 C "C2'" . DC  B 1 12 ? 6.840   16.473  10.447  1.00 50.25 ? 24  DC  B "C2'" 1 
ATOM   478 C "C1'" . DC  B 1 12 ? 6.839   15.392  9.390   1.00 49.93 ? 24  DC  B "C1'" 1 
ATOM   479 N N1    . DC  B 1 12 ? 6.312   15.821  8.085   1.00 48.63 ? 24  DC  B N1    1 
ATOM   480 C C2    . DC  B 1 12 ? 7.049   15.526  6.974   1.00 47.53 ? 24  DC  B C2    1 
ATOM   481 O O2    . DC  B 1 12 ? 8.080   14.843  7.111   1.00 48.43 ? 24  DC  B O2    1 
ATOM   482 N N3    . DC  B 1 12 ? 6.656   15.982  5.772   1.00 47.52 ? 24  DC  B N3    1 
ATOM   483 C C4    . DC  B 1 12 ? 5.550   16.708  5.656   1.00 47.78 ? 24  DC  B C4    1 
ATOM   484 N N4    . DC  B 1 12 ? 5.230   17.164  4.419   1.00 47.89 ? 24  DC  B N4    1 
ATOM   485 C C5    . DC  B 1 12 ? 4.733   17.005  6.775   1.00 47.13 ? 24  DC  B C5    1 
ATOM   486 C C6    . DC  B 1 12 ? 5.148   16.537  7.972   1.00 49.75 ? 24  DC  B C6    1 
HETATM 487 O O     . HOH C 2 .  ? -4.105  -10.947 -11.444 1.00 67.28 ? 28  HOH A O     1 
HETATM 488 O O     . HOH C 2 .  ? -1.815  7.517   4.910   1.00 33.47 ? 29  HOH A O     1 
HETATM 489 O O     . HOH C 2 .  ? -0.445  -6.354  -6.355  1.00 35.51 ? 30  HOH A O     1 
HETATM 490 O O     . HOH C 2 .  ? 6.854   8.547   7.095   1.00 32.50 ? 32  HOH A O     1 
HETATM 491 O O     . HOH C 2 .  ? 6.555   4.542   1.189   1.00 42.54 ? 33  HOH A O     1 
HETATM 492 O O     . HOH C 2 .  ? -0.729  -2.263  4.571   1.00 38.94 ? 35  HOH A O     1 
HETATM 493 O O     . HOH C 2 .  ? -3.571  5.896   0.874   1.00 32.66 ? 39  HOH A O     1 
HETATM 494 O O     . HOH C 2 .  ? 1.628   -21.660 -8.599  1.00 59.75 ? 40  HOH A O     1 
HETATM 495 O O     . HOH C 2 .  ? -9.672  -8.569  -3.530  1.00 45.49 ? 44  HOH A O     1 
HETATM 496 O O     . HOH C 2 .  ? 6.683   13.678  -1.627  1.00 64.22 ? 45  HOH A O     1 
HETATM 497 O O     . HOH C 2 .  ? -9.368  -5.026  -6.807  1.00 88.17 ? 46  HOH A O     1 
HETATM 498 O O     . HOH C 2 .  ? -10.068 -3.797  0.440   1.00 50.02 ? 48  HOH A O     1 
HETATM 499 O O     . HOH C 2 .  ? 0.359   -11.067 -5.790  1.00 54.37 ? 49  HOH A O     1 
HETATM 500 O O     . HOH C 2 .  ? 8.533   0.346   8.017   1.00 35.71 ? 50  HOH A O     1 
HETATM 501 O O     . HOH C 2 .  ? -14.259 -0.830  -7.884  1.00 66.54 ? 51  HOH A O     1 
HETATM 502 O O     . HOH C 2 .  ? 3.942   -16.571 -12.079 1.00 51.21 ? 52  HOH A O     1 
HETATM 503 O O     . HOH C 2 .  ? 7.280   1.709   4.749   1.00 40.52 ? 53  HOH A O     1 
HETATM 504 O O     . HOH C 2 .  ? 4.428   -7.994  -11.752 1.00 56.32 ? 54  HOH A O     1 
HETATM 505 O O     . HOH C 2 .  ? 2.509   0.002   12.922  1.00 66.92 ? 55  HOH A O     1 
HETATM 506 O O     . HOH C 2 .  ? -2.783  0.894   7.710   1.00 53.39 ? 57  HOH A O     1 
HETATM 507 O O     . HOH C 2 .  ? 9.417   4.366   0.280   1.00 43.48 ? 58  HOH A O     1 
HETATM 508 O O     . HOH C 2 .  ? 5.895   16.812  -1.000  1.00 54.95 ? 59  HOH A O     1 
HETATM 509 O O     . HOH C 2 .  ? 8.536   8.367   -1.971  1.00 54.36 ? 62  HOH A O     1 
HETATM 510 O O     . HOH C 2 .  ? 19.153  9.062   2.499   1.00 75.76 ? 66  HOH A O     1 
HETATM 511 O O     . HOH C 2 .  ? -4.777  -4.404  3.290   1.00 55.80 ? 68  HOH A O     1 
HETATM 512 O O     . HOH C 2 .  ? 14.948  7.565   6.574   1.00 90.05 ? 69  HOH A O     1 
HETATM 513 O O     . HOH C 2 .  ? -3.570  8.636   15.623  1.00 87.46 ? 72  HOH A O     1 
HETATM 514 O O     . HOH C 2 .  ? 9.758   8.665   -6.299  1.00 76.16 ? 73  HOH A O     1 
HETATM 515 O O     . HOH C 2 .  ? -9.951  -2.272  -1.512  1.00 53.50 ? 75  HOH A O     1 
HETATM 516 O O     . HOH C 2 .  ? 0.861   -8.759  -6.852  1.00 45.58 ? 77  HOH A O     1 
HETATM 517 O O     . HOH C 2 .  ? -12.401 -4.894  -3.399  1.00 55.75 ? 78  HOH A O     1 
HETATM 518 O O     . HOH C 2 .  ? -4.142  7.551   3.090   1.00 49.55 ? 79  HOH A O     1 
HETATM 519 O O     . HOH C 2 .  ? -0.529  -13.379 -4.666  1.00 42.79 ? 80  HOH A O     1 
HETATM 520 O O     . HOH C 2 .  ? 4.588   1.440   4.308   1.00 37.26 ? 81  HOH A O     1 
HETATM 521 O O     . HOH C 2 .  ? -8.148  -11.957 -10.395 1.00 80.39 ? 82  HOH A O     1 
HETATM 522 O O     . HOH C 2 .  ? 10.732  10.533  6.615   1.00 49.82 ? 84  HOH A O     1 
HETATM 523 O O     . HOH C 2 .  ? -8.246  -6.130  0.356   1.00 48.15 ? 86  HOH A O     1 
HETATM 524 O O     . HOH C 2 .  ? 15.907  7.794   -0.735  1.00 68.87 ? 87  HOH A O     1 
HETATM 525 O O     . HOH C 2 .  ? 1.303   -19.404 -13.111 1.00 60.76 ? 90  HOH A O     1 
HETATM 526 O O     . HOH C 2 .  ? 3.081   -10.186 -12.250 1.00 68.06 ? 93  HOH A O     1 
HETATM 527 O O     . HOH C 2 .  ? 6.401   -15.760 -12.388 1.00 61.58 ? 94  HOH A O     1 
HETATM 528 O O     . HOH C 2 .  ? -9.227  -12.189 -7.577  1.00 74.79 ? 95  HOH A O     1 
HETATM 529 O O     . HOH C 2 .  ? -0.821  -3.484  -7.517  1.00 51.78 ? 98  HOH A O     1 
HETATM 530 O O     . HOH C 2 .  ? -13.624 2.778   0.046   1.00 88.77 ? 103 HOH A O     1 
HETATM 531 O O     . HOH C 2 .  ? -11.565 -1.681  -4.841  1.00 87.24 ? 106 HOH A O     1 
HETATM 532 O O     . HOH C 2 .  ? -11.048 -2.463  -10.345 1.00 82.65 ? 107 HOH A O     1 
HETATM 533 O O     . HOH C 2 .  ? 0.031   6.363   13.402  1.00 72.74 ? 108 HOH A O     1 
HETATM 534 O O     . HOH C 2 .  ? 12.519  14.659  -5.616  1.00 58.02 ? 112 HOH A O     1 
HETATM 535 O O     . HOH C 2 .  ? -8.659  7.109   3.668   1.00 67.32 ? 113 HOH A O     1 
HETATM 536 O O     . HOH C 2 .  ? 9.642   12.166  -4.208  1.00 61.71 ? 114 HOH A O     1 
HETATM 537 O O     . HOH C 2 .  ? -7.036  9.018   7.071   1.00 64.49 ? 115 HOH A O     1 
HETATM 538 O O     . HOH C 2 .  ? -0.782  1.388   12.049  1.00 64.57 ? 120 HOH A O     1 
HETATM 539 O O     . HOH C 2 .  ? -3.037  2.979   14.378  1.00 61.01 ? 121 HOH A O     1 
HETATM 540 O O     . HOH C 2 .  ? -13.208 0.920   3.948   1.00 70.93 ? 122 HOH A O     1 
HETATM 541 O O     . HOH C 2 .  ? 7.568   16.527  -4.994  1.00 75.48 ? 124 HOH A O     1 
HETATM 542 O O     . HOH D 2 .  ? 5.220   -8.376  3.134   1.00 21.66 ? 25  HOH B O     1 
HETATM 543 O O     . HOH D 2 .  ? 6.621   -2.924  -2.813  1.00 41.67 ? 26  HOH B O     1 
HETATM 544 O O     . HOH D 2 .  ? 8.939   -9.297  -2.046  1.00 37.11 ? 27  HOH B O     1 
HETATM 545 O O     . HOH D 2 .  ? -0.284  -5.035  3.400   1.00 33.05 ? 31  HOH B O     1 
HETATM 546 O O     . HOH D 2 .  ? 6.262   -12.611 -0.004  1.00 32.72 ? 34  HOH B O     1 
HETATM 547 O O     . HOH D 2 .  ? 4.699   8.640   -2.090  1.00 43.51 ? 36  HOH B O     1 
HETATM 548 O O     . HOH D 2 .  ? -0.954  12.565  -3.179  1.00 52.11 ? 37  HOH B O     1 
HETATM 549 O O     . HOH D 2 .  ? 5.180   1.258   -2.488  1.00 38.41 ? 38  HOH B O     1 
HETATM 550 O O     . HOH D 2 .  ? 1.486   8.558   -5.574  1.00 50.05 ? 41  HOH B O     1 
HETATM 551 O O     . HOH D 2 .  ? -6.989  14.082  -1.440  1.00 56.15 ? 42  HOH B O     1 
HETATM 552 O O     . HOH D 2 .  ? 7.919   1.803   -1.340  1.00 55.49 ? 43  HOH B O     1 
HETATM 553 O O     . HOH D 2 .  ? -3.355  2.481   -4.336  1.00 41.26 ? 47  HOH B O     1 
HETATM 554 O O     . HOH D 2 .  ? 1.783   8.755   7.221   1.00 46.34 ? 56  HOH B O     1 
HETATM 555 O O     . HOH D 2 .  ? 5.378   -14.675 3.215   1.00 51.35 ? 60  HOH B O     1 
HETATM 556 O O     . HOH D 2 .  ? 5.337   3.527   -1.494  1.00 35.70 ? 61  HOH B O     1 
HETATM 557 O O     . HOH D 2 .  ? 7.162   10.667  10.305  1.00 62.26 ? 63  HOH B O     1 
HETATM 558 O O     . HOH D 2 .  ? 0.788   -10.063 -3.615  1.00 40.06 ? 64  HOH B O     1 
HETATM 559 O O     . HOH D 2 .  ? 1.736   -17.096 2.602   1.00 73.04 ? 65  HOH B O     1 
HETATM 560 O O     . HOH D 2 .  ? 5.621   -5.342  0.531   0.50 34.55 ? 67  HOH B O     1 
HETATM 561 O O     . HOH D 2 .  ? 1.220   -8.967  5.486   0.50 81.45 ? 70  HOH B O     1 
HETATM 562 O O     . HOH D 2 .  ? 0.218   -13.551 -1.769  1.00 51.03 ? 71  HOH B O     1 
HETATM 563 O O     . HOH D 2 .  ? -2.388  8.775   9.435   1.00 53.77 ? 74  HOH B O     1 
HETATM 564 O O     . HOH D 2 .  ? 6.790   -0.896  -0.916  1.00 61.07 ? 76  HOH B O     1 
HETATM 565 O O     . HOH D 2 .  ? 2.866   10.633  13.533  1.00 53.30 ? 83  HOH B O     1 
HETATM 566 O O     . HOH D 2 .  ? -6.105  16.836  1.933   1.00 63.63 ? 85  HOH B O     1 
HETATM 567 O O     . HOH D 2 .  ? 5.094   -14.372 5.940   1.00 53.73 ? 88  HOH B O     1 
HETATM 568 O O     . HOH D 2 .  ? 2.142   -12.199 -3.367  1.00 39.89 ? 89  HOH B O     1 
HETATM 569 O O     . HOH D 2 .  ? -3.772  10.498  11.050  1.00 56.64 ? 91  HOH B O     1 
HETATM 570 O O     . HOH D 2 .  ? 5.895   1.083   -0.326  1.00 61.62 ? 92  HOH B O     1 
HETATM 571 O O     . HOH D 2 .  ? -5.447  -17.368 0.730   1.00 58.99 ? 96  HOH B O     1 
HETATM 572 O O     . HOH D 2 .  ? -16.104 -8.827  5.781   1.00 73.48 ? 97  HOH B O     1 
HETATM 573 O O     . HOH D 2 .  ? 3.544   9.058   -10.377 1.00 94.76 ? 99  HOH B O     1 
HETATM 574 O O     . HOH D 2 .  ? 2.132   -14.696 -4.999  1.00 51.96 ? 100 HOH B O     1 
HETATM 575 O O     . HOH D 2 .  ? 5.049   -13.095 -2.500  1.00 63.82 ? 101 HOH B O     1 
HETATM 576 O O     . HOH D 2 .  ? 2.390   -12.982 7.929   1.00 87.94 ? 102 HOH B O     1 
HETATM 577 O O     . HOH D 2 .  ? 0.220   -15.497 -0.607  1.00 89.22 ? 104 HOH B O     1 
HETATM 578 O O     . HOH D 2 .  ? -3.598  14.262  -5.026  1.00 57.60 ? 105 HOH B O     1 
HETATM 579 O O     . HOH D 2 .  ? 7.111   1.699   -4.958  1.00 82.80 ? 109 HOH B O     1 
HETATM 580 O O     . HOH D 2 .  ? 3.896   -5.257  -10.760 1.00 56.32 ? 110 HOH B O     1 
HETATM 581 O O     . HOH D 2 .  ? 8.923   11.895  8.792   1.00 58.31 ? 111 HOH B O     1 
HETATM 582 O O     . HOH D 2 .  ? -7.498  13.152  7.500   1.00 66.37 ? 116 HOH B O     1 
HETATM 583 O O     . HOH D 2 .  ? 12.349  1.646   -10.373 1.00 67.47 ? 117 HOH B O     1 
HETATM 584 O O     . HOH D 2 .  ? -14.955 -12.353 1.082   1.00 73.60 ? 118 HOH B O     1 
HETATM 585 O O     . HOH D 2 .  ? -7.335  14.230  0.923   1.00 60.00 ? 119 HOH B O     1 
HETATM 586 O O     . HOH D 2 .  ? -17.070 -13.110 7.555   1.00 61.08 ? 123 HOH B O     1 
# 
